data_7PTF
#
_entry.id   7PTF
#
_cell.length_a   62.657
_cell.length_b   47.391
_cell.length_c   110.626
_cell.angle_alpha   90.000
_cell.angle_beta   99.490
_cell.angle_gamma   90.000
#
_symmetry.space_group_name_H-M   'P 1 21 1'
#
loop_
_entity.id
_entity.type
_entity.pdbx_description
1 polymer 'DNA gyrase subunit B'
2 non-polymer NOVOBIOCIN
3 non-polymer (4R)-2-METHYLPENTANE-2,4-DIOL
4 non-polymer '2-(N-MORPHOLINO)-ETHANESULFONIC ACID'
5 water water
#
_entity_poly.entity_id   1
_entity_poly.type   'polypeptide(L)'
_entity_poly.pdbx_seq_one_letter_code
;MSENNTYDSSSIKVLKGLDAVRKRPGMYIGDTDDGTGLHHMVFEVVDNSIDEALAGYCSEISITIHTDESITVRDNGRGI
PVDIHKEEGVSAAEVIMTVLHAGGKFDDNTYKVSGGLHGVGVSVVNALSHELRLTIRRHNKVWEQVYHHGVPQFPLREVG
ETDGSGTEVHFKPSPETFSNIHFSWDILAKRIRELSFLNSGVGILLRDERTGKEELFKYEG
;
_entity_poly.pdbx_strand_id   A,B,C
#
loop_
_chem_comp.id
_chem_comp.type
_chem_comp.name
_chem_comp.formula
MES non-polymer '2-(N-MORPHOLINO)-ETHANESULFONIC ACID' 'C6 H13 N O4 S'
MRD non-polymer (4R)-2-METHYLPENTANE-2,4-DIOL 'C6 H14 O2'
NOV non-polymer NOVOBIOCIN 'C31 H36 N2 O11'
#
# COMPACT_ATOMS: atom_id res chain seq x y z
N SER A 10 -22.64 15.36 36.31
CA SER A 10 -22.68 14.66 34.99
C SER A 10 -21.26 14.47 34.44
N SER A 11 -20.45 15.53 34.43
CA SER A 11 -19.05 15.50 33.92
C SER A 11 -18.22 14.52 34.76
N ILE A 12 -18.37 14.55 36.08
CA ILE A 12 -17.63 13.64 37.00
C ILE A 12 -18.02 12.19 36.69
N LYS A 13 -19.33 11.95 36.51
CA LYS A 13 -19.87 10.61 36.21
C LYS A 13 -19.21 10.07 34.93
N VAL A 14 -19.10 10.90 33.90
CA VAL A 14 -18.49 10.46 32.62
C VAL A 14 -17.02 10.14 32.85
N LEU A 15 -16.27 11.01 33.53
CA LEU A 15 -14.82 10.77 33.77
C LEU A 15 -14.65 9.48 34.57
N LYS A 16 -15.55 9.21 35.52
CA LYS A 16 -15.45 7.95 36.32
C LYS A 16 -15.64 6.75 35.40
N GLY A 17 -16.55 6.83 34.44
CA GLY A 17 -16.79 5.73 33.50
C GLY A 17 -15.54 5.42 32.69
N LEU A 18 -14.84 6.44 32.23
CA LEU A 18 -13.59 6.27 31.43
C LEU A 18 -12.50 5.70 32.35
N ASP A 19 -12.45 6.19 33.58
CA ASP A 19 -11.45 5.71 34.56
C ASP A 19 -11.67 4.21 34.79
N ALA A 20 -12.92 3.75 34.84
CA ALA A 20 -13.25 2.33 35.09
C ALA A 20 -12.71 1.48 33.94
N VAL A 21 -12.80 1.99 32.71
CA VAL A 21 -12.26 1.27 31.53
C VAL A 21 -10.74 1.15 31.67
N ARG A 22 -10.08 2.24 32.05
N ARG A 22 -10.08 2.25 32.04
CA ARG A 22 -8.60 2.25 32.18
CA ARG A 22 -8.61 2.26 32.19
C ARG A 22 -8.17 1.37 33.36
C ARG A 22 -8.17 1.37 33.36
N LYS A 23 -9.02 1.22 34.38
CA LYS A 23 -8.68 0.40 35.57
C LYS A 23 -8.68 -1.09 35.19
N ARG A 24 -9.62 -1.52 34.36
N ARG A 24 -9.62 -1.52 34.36
CA ARG A 24 -9.83 -2.95 34.02
CA ARG A 24 -9.83 -2.95 34.02
C ARG A 24 -9.90 -3.12 32.51
C ARG A 24 -9.90 -3.12 32.51
N PRO A 25 -8.88 -2.69 31.75
CA PRO A 25 -9.01 -2.63 30.29
C PRO A 25 -9.33 -3.99 29.65
N GLY A 26 -8.79 -5.06 30.20
CA GLY A 26 -9.02 -6.42 29.66
C GLY A 26 -10.50 -6.80 29.66
N MET A 27 -11.29 -6.24 30.56
CA MET A 27 -12.74 -6.50 30.63
C MET A 27 -13.48 -5.84 29.46
N TYR A 28 -12.84 -4.89 28.79
CA TYR A 28 -13.49 -4.11 27.70
C TYR A 28 -12.85 -4.43 26.35
N ILE A 29 -11.53 -4.59 26.28
CA ILE A 29 -10.81 -4.66 24.99
C ILE A 29 -10.20 -6.04 24.79
N GLY A 30 -10.11 -6.87 25.84
CA GLY A 30 -9.39 -8.15 25.79
C GLY A 30 -7.93 -8.01 26.21
N ASP A 31 -7.12 -9.01 25.88
CA ASP A 31 -5.75 -9.12 26.43
C ASP A 31 -4.91 -7.94 25.94
N THR A 32 -4.28 -7.22 26.88
CA THR A 32 -3.53 -5.98 26.60
C THR A 32 -2.04 -6.28 26.33
N ASP A 33 -1.64 -7.55 26.33
CA ASP A 33 -0.20 -7.92 26.18
C ASP A 33 0.07 -8.76 24.93
N ASP A 34 -0.91 -9.52 24.44
CA ASP A 34 -0.66 -10.56 23.40
C ASP A 34 -1.06 -10.03 22.02
N GLY A 35 -1.47 -8.77 21.93
CA GLY A 35 -1.83 -8.11 20.66
C GLY A 35 -3.32 -8.20 20.35
N THR A 36 -4.07 -9.05 21.04
N THR A 36 -4.06 -9.06 21.04
CA THR A 36 -5.50 -9.24 20.70
CA THR A 36 -5.53 -9.26 20.79
C THR A 36 -6.27 -7.96 21.04
C THR A 36 -6.26 -7.94 21.05
N GLY A 37 -6.12 -7.42 22.26
CA GLY A 37 -6.75 -6.14 22.64
C GLY A 37 -6.29 -5.02 21.71
N LEU A 38 -5.00 -4.97 21.42
CA LEU A 38 -4.45 -3.86 20.60
C LEU A 38 -5.16 -3.84 19.23
N HIS A 39 -5.31 -5.00 18.60
CA HIS A 39 -5.92 -5.08 17.25
C HIS A 39 -7.43 -4.86 17.37
N HIS A 40 -8.04 -5.27 18.48
CA HIS A 40 -9.48 -5.00 18.75
C HIS A 40 -9.72 -3.48 18.75
N MET A 41 -8.74 -2.68 19.17
CA MET A 41 -8.89 -1.21 19.15
C MET A 41 -9.21 -0.78 17.72
N VAL A 42 -8.43 -1.28 16.77
CA VAL A 42 -8.65 -0.94 15.34
C VAL A 42 -10.00 -1.47 14.90
N PHE A 43 -10.27 -2.73 15.20
CA PHE A 43 -11.47 -3.41 14.67
C PHE A 43 -12.74 -2.73 15.22
N GLU A 44 -12.72 -2.21 16.44
CA GLU A 44 -13.91 -1.54 16.98
C GLU A 44 -14.15 -0.26 16.19
N VAL A 45 -13.10 0.50 15.89
CA VAL A 45 -13.30 1.76 15.13
C VAL A 45 -13.80 1.38 13.72
N VAL A 46 -13.18 0.40 13.10
CA VAL A 46 -13.60 -0.05 11.74
C VAL A 46 -15.06 -0.54 11.78
N ASP A 47 -15.45 -1.25 12.82
CA ASP A 47 -16.84 -1.78 12.91
C ASP A 47 -17.84 -0.62 12.90
N ASN A 48 -17.48 0.52 13.48
CA ASN A 48 -18.38 1.71 13.45
C ASN A 48 -18.50 2.21 12.01
N SER A 49 -17.42 2.21 11.25
CA SER A 49 -17.45 2.62 9.83
C SER A 49 -18.25 1.60 9.03
N ILE A 50 -18.07 0.30 9.31
CA ILE A 50 -18.83 -0.76 8.61
C ILE A 50 -20.32 -0.58 8.88
N ASP A 51 -20.70 -0.22 10.10
CA ASP A 51 -22.14 0.01 10.41
C ASP A 51 -22.67 1.13 9.52
N GLU A 52 -21.84 2.11 9.21
CA GLU A 52 -22.23 3.24 8.34
C GLU A 52 -22.39 2.75 6.90
N ALA A 53 -21.61 1.76 6.48
CA ALA A 53 -21.75 1.12 5.15
C ALA A 53 -23.07 0.33 5.11
N LEU A 54 -23.32 -0.47 6.15
N LEU A 54 -23.32 -0.47 6.15
CA LEU A 54 -24.55 -1.30 6.26
CA LEU A 54 -24.54 -1.30 6.25
C LEU A 54 -25.77 -0.38 6.23
C LEU A 54 -25.77 -0.38 6.23
N ALA A 55 -25.67 0.80 6.85
CA ALA A 55 -26.78 1.78 6.91
C ALA A 55 -27.03 2.39 5.54
N GLY A 56 -26.07 2.31 4.62
CA GLY A 56 -26.22 2.78 3.23
C GLY A 56 -25.52 4.10 2.97
N TYR A 57 -24.60 4.55 3.82
CA TYR A 57 -24.01 5.91 3.72
C TYR A 57 -22.52 5.89 3.42
N CYS A 58 -21.85 4.76 3.61
CA CYS A 58 -20.39 4.68 3.52
C CYS A 58 -20.00 3.67 2.43
N SER A 59 -19.14 4.09 1.51
CA SER A 59 -18.59 3.23 0.44
C SER A 59 -17.07 3.08 0.53
N GLU A 60 -16.40 3.90 1.33
N GLU A 60 -16.41 3.89 1.34
CA GLU A 60 -14.91 3.94 1.41
CA GLU A 60 -14.93 3.93 1.42
C GLU A 60 -14.51 3.99 2.89
C GLU A 60 -14.51 3.99 2.89
N ILE A 61 -13.62 3.09 3.28
CA ILE A 61 -12.99 3.09 4.62
C ILE A 61 -11.50 2.96 4.40
N SER A 62 -10.71 3.73 5.12
CA SER A 62 -9.23 3.60 5.11
C SER A 62 -8.75 3.35 6.53
N ILE A 63 -7.76 2.48 6.65
CA ILE A 63 -7.04 2.20 7.92
C ILE A 63 -5.58 2.49 7.63
N THR A 64 -4.99 3.43 8.36
CA THR A 64 -3.57 3.80 8.19
C THR A 64 -2.83 3.50 9.48
N ILE A 65 -1.75 2.76 9.37
CA ILE A 65 -0.79 2.53 10.49
C ILE A 65 0.31 3.55 10.33
N HIS A 66 0.49 4.40 11.32
CA HIS A 66 1.50 5.47 11.31
C HIS A 66 2.82 4.94 11.88
N THR A 67 3.90 5.66 11.63
CA THR A 67 5.26 5.24 12.08
C THR A 67 5.34 5.22 13.61
N ASP A 68 4.50 5.96 14.32
CA ASP A 68 4.48 6.00 15.80
C ASP A 68 3.52 4.93 16.34
N GLU A 69 3.05 4.01 15.49
CA GLU A 69 2.14 2.89 15.88
C GLU A 69 0.80 3.47 16.34
N SER A 70 0.46 4.67 15.87
CA SER A 70 -0.93 5.19 15.96
C SER A 70 -1.69 4.75 14.71
N ILE A 71 -3.01 4.91 14.76
CA ILE A 71 -3.92 4.40 13.72
C ILE A 71 -4.88 5.52 13.33
N THR A 72 -5.14 5.66 12.04
CA THR A 72 -6.25 6.49 11.56
C THR A 72 -7.23 5.60 10.82
N VAL A 73 -8.50 5.67 11.22
CA VAL A 73 -9.60 5.03 10.47
C VAL A 73 -10.47 6.17 9.95
N ARG A 74 -10.66 6.22 8.65
CA ARG A 74 -11.46 7.28 8.02
C ARG A 74 -12.53 6.64 7.15
N ASP A 75 -13.73 7.19 7.18
CA ASP A 75 -14.81 6.72 6.29
C ASP A 75 -15.46 7.93 5.61
N ASN A 76 -16.25 7.63 4.60
CA ASN A 76 -17.01 8.67 3.86
C ASN A 76 -18.51 8.56 4.17
N GLY A 77 -18.84 8.19 5.40
CA GLY A 77 -20.23 8.12 5.86
C GLY A 77 -20.80 9.50 6.19
N ARG A 78 -21.83 9.55 7.01
CA ARG A 78 -22.57 10.81 7.29
C ARG A 78 -21.76 11.74 8.16
N GLY A 79 -20.80 11.21 8.93
CA GLY A 79 -20.14 11.97 9.99
C GLY A 79 -20.96 11.86 11.25
N ILE A 80 -20.32 11.54 12.36
CA ILE A 80 -21.04 11.46 13.65
C ILE A 80 -21.75 12.79 13.88
N PRO A 81 -23.03 12.76 14.28
CA PRO A 81 -23.74 14.00 14.58
C PRO A 81 -23.02 14.89 15.60
N VAL A 82 -23.17 16.19 15.42
CA VAL A 82 -22.36 17.23 16.11
C VAL A 82 -23.25 18.12 16.97
N ASP A 83 -24.57 17.99 16.90
CA ASP A 83 -25.46 18.95 17.58
C ASP A 83 -25.33 18.82 19.10
N ILE A 84 -25.38 19.95 19.78
CA ILE A 84 -25.17 20.01 21.25
C ILE A 84 -26.47 19.53 21.89
N HIS A 85 -26.34 18.58 22.80
CA HIS A 85 -27.42 18.10 23.70
C HIS A 85 -27.73 19.10 24.81
N LYS A 86 -28.99 19.40 25.06
CA LYS A 86 -29.44 20.13 26.28
C LYS A 86 -28.95 19.34 27.52
N GLU A 87 -29.11 18.02 27.51
CA GLU A 87 -28.97 17.20 28.75
C GLU A 87 -27.50 17.14 29.17
N GLU A 88 -26.60 16.78 28.25
CA GLU A 88 -25.15 16.65 28.57
C GLU A 88 -24.47 18.00 28.39
N GLY A 89 -25.07 18.92 27.62
CA GLY A 89 -24.51 20.25 27.31
C GLY A 89 -23.33 20.16 26.35
N VAL A 90 -23.15 19.02 25.68
CA VAL A 90 -22.03 18.79 24.76
C VAL A 90 -22.55 18.15 23.48
N SER A 91 -21.72 18.20 22.44
CA SER A 91 -22.00 17.60 21.12
C SER A 91 -22.40 16.14 21.28
N ALA A 92 -23.29 15.69 20.41
CA ALA A 92 -23.64 14.26 20.32
C ALA A 92 -22.35 13.46 20.14
N ALA A 93 -21.43 13.93 19.30
CA ALA A 93 -20.17 13.21 19.02
C ALA A 93 -19.42 12.99 20.33
N GLU A 94 -19.29 14.03 21.15
CA GLU A 94 -18.56 13.88 22.43
C GLU A 94 -19.23 12.79 23.27
N VAL A 95 -20.54 12.76 23.31
CA VAL A 95 -21.26 11.72 24.10
C VAL A 95 -20.88 10.35 23.55
N ILE A 96 -20.91 10.18 22.23
CA ILE A 96 -20.55 8.88 21.60
C ILE A 96 -19.12 8.50 21.98
N MET A 97 -18.21 9.48 22.00
CA MET A 97 -16.78 9.18 22.23
C MET A 97 -16.49 8.93 23.71
N THR A 98 -17.39 9.28 24.63
CA THR A 98 -17.04 9.29 26.08
C THR A 98 -17.97 8.42 26.92
N VAL A 99 -19.11 8.01 26.42
CA VAL A 99 -20.15 7.32 27.24
C VAL A 99 -20.35 5.92 26.67
N LEU A 100 -20.18 4.90 27.51
N LEU A 100 -20.13 4.90 27.50
CA LEU A 100 -20.35 3.50 27.07
CA LEU A 100 -20.36 3.49 27.11
C LEU A 100 -21.81 3.31 26.65
C LEU A 100 -21.80 3.31 26.64
N HIS A 101 -22.00 2.66 25.50
CA HIS A 101 -23.32 2.44 24.86
C HIS A 101 -24.20 3.69 24.98
N ALA A 102 -23.62 4.82 24.60
CA ALA A 102 -24.24 6.15 24.69
C ALA A 102 -25.68 6.11 24.18
N GLY A 103 -26.61 6.59 24.99
CA GLY A 103 -28.01 6.78 24.59
C GLY A 103 -28.83 5.52 24.75
N GLY A 104 -28.22 4.41 25.12
CA GLY A 104 -28.95 3.14 25.17
C GLY A 104 -28.45 2.22 26.25
N LYS A 105 -28.92 1.01 26.18
CA LYS A 105 -28.60 -0.06 27.14
C LYS A 105 -27.45 -0.89 26.55
N PHE A 106 -26.71 -1.59 27.40
CA PHE A 106 -25.88 -2.70 26.93
C PHE A 106 -26.82 -3.87 26.67
N ASP A 107 -26.78 -4.37 25.44
CA ASP A 107 -27.74 -5.40 24.98
C ASP A 107 -27.17 -6.77 25.37
N ASP A 108 -27.59 -7.27 26.53
CA ASP A 108 -27.20 -8.61 27.04
C ASP A 108 -27.84 -9.71 26.16
N ASN A 109 -28.87 -9.41 25.39
CA ASN A 109 -29.53 -10.38 24.49
C ASN A 109 -28.68 -10.57 23.21
N THR A 110 -28.12 -9.50 22.63
CA THR A 110 -27.61 -9.53 21.24
C THR A 110 -26.08 -9.32 21.10
N TYR A 111 -25.29 -9.40 22.17
CA TYR A 111 -23.82 -9.13 22.11
C TYR A 111 -23.10 -10.29 21.40
N LYS A 112 -23.69 -11.50 21.40
CA LYS A 112 -23.05 -12.72 20.85
C LYS A 112 -22.83 -12.57 19.34
N VAL A 113 -23.66 -11.79 18.65
CA VAL A 113 -23.57 -11.63 17.15
C VAL A 113 -22.42 -10.67 16.79
N SER A 114 -22.37 -9.48 17.40
CA SER A 114 -21.47 -8.36 16.97
C SER A 114 -20.26 -8.23 17.91
N GLY A 115 -20.32 -8.86 19.08
CA GLY A 115 -19.27 -8.80 20.10
C GLY A 115 -19.64 -7.80 21.19
N GLY A 116 -19.26 -8.11 22.42
CA GLY A 116 -19.43 -7.23 23.58
C GLY A 116 -18.74 -5.89 23.35
N LEU A 117 -17.56 -5.90 22.73
CA LEU A 117 -16.79 -4.64 22.57
C LEU A 117 -17.62 -3.66 21.75
N HIS A 118 -18.23 -4.11 20.65
CA HIS A 118 -19.04 -3.19 19.82
C HIS A 118 -20.32 -2.82 20.57
N GLY A 119 -20.76 -3.69 21.48
CA GLY A 119 -21.90 -3.41 22.37
C GLY A 119 -21.65 -2.24 23.31
N VAL A 120 -20.40 -2.06 23.77
N VAL A 120 -20.40 -2.06 23.77
N VAL A 120 -20.40 -2.09 23.75
CA VAL A 120 -20.04 -0.90 24.62
CA VAL A 120 -20.04 -0.91 24.63
CA VAL A 120 -19.98 -0.94 24.61
C VAL A 120 -19.60 0.26 23.73
C VAL A 120 -19.59 0.26 23.73
C VAL A 120 -19.60 0.24 23.73
N GLY A 121 -18.82 -0.02 22.68
CA GLY A 121 -18.54 0.96 21.63
C GLY A 121 -17.23 1.69 21.75
N VAL A 122 -17.12 2.74 20.94
CA VAL A 122 -15.83 3.38 20.58
C VAL A 122 -15.28 4.14 21.79
N SER A 123 -16.09 4.49 22.78
CA SER A 123 -15.60 5.16 24.01
C SER A 123 -14.52 4.31 24.69
N VAL A 124 -14.54 2.99 24.51
CA VAL A 124 -13.47 2.12 25.07
C VAL A 124 -12.15 2.44 24.37
N VAL A 125 -12.17 2.52 23.05
CA VAL A 125 -10.95 2.84 22.27
C VAL A 125 -10.42 4.20 22.74
N ASN A 126 -11.32 5.15 22.93
CA ASN A 126 -10.93 6.50 23.39
C ASN A 126 -10.29 6.43 24.78
N ALA A 127 -10.94 5.75 25.71
CA ALA A 127 -10.42 5.64 27.09
C ALA A 127 -9.01 5.05 27.09
N LEU A 128 -8.75 4.10 26.19
CA LEU A 128 -7.48 3.34 26.19
C LEU A 128 -6.48 3.92 25.21
N SER A 129 -6.73 5.11 24.69
CA SER A 129 -5.80 5.87 23.84
C SER A 129 -5.23 7.04 24.63
N HIS A 130 -3.91 7.18 24.66
CA HIS A 130 -3.33 8.34 25.38
C HIS A 130 -3.71 9.62 24.66
N GLU A 131 -3.94 9.55 23.36
CA GLU A 131 -4.45 10.70 22.57
C GLU A 131 -5.36 10.16 21.48
N LEU A 132 -6.45 10.86 21.21
CA LEU A 132 -7.34 10.53 20.10
C LEU A 132 -7.81 11.83 19.50
N ARG A 133 -7.75 11.93 18.18
CA ARG A 133 -8.28 13.08 17.45
C ARG A 133 -9.44 12.61 16.60
N LEU A 134 -10.60 13.22 16.81
CA LEU A 134 -11.82 12.97 16.03
C LEU A 134 -11.98 14.12 15.06
N THR A 135 -12.13 13.81 13.79
CA THR A 135 -12.44 14.80 12.75
C THR A 135 -13.72 14.36 12.07
N ILE A 136 -14.72 15.23 12.06
CA ILE A 136 -16.03 14.94 11.42
C ILE A 136 -16.20 15.92 10.26
N ARG A 137 -16.58 15.38 9.11
CA ARG A 137 -16.99 16.18 7.94
C ARG A 137 -18.49 15.98 7.79
N ARG A 138 -19.25 17.03 7.98
CA ARG A 138 -20.72 16.90 8.02
C ARG A 138 -21.35 18.25 7.71
N HIS A 139 -22.34 18.28 6.85
CA HIS A 139 -23.10 19.52 6.51
C HIS A 139 -22.11 20.61 6.09
N ASN A 140 -21.11 20.19 5.30
CA ASN A 140 -20.09 21.07 4.68
C ASN A 140 -19.19 21.71 5.74
N LYS A 141 -19.17 21.20 6.96
CA LYS A 141 -18.29 21.73 8.03
C LYS A 141 -17.32 20.62 8.48
N VAL A 142 -16.13 21.04 8.89
CA VAL A 142 -15.14 20.16 9.54
C VAL A 142 -15.18 20.50 11.02
N TRP A 143 -15.37 19.47 11.83
CA TRP A 143 -15.37 19.56 13.30
C TRP A 143 -14.24 18.70 13.84
N GLU A 144 -13.63 19.14 14.92
N GLU A 144 -13.64 19.13 14.93
CA GLU A 144 -12.54 18.35 15.55
CA GLU A 144 -12.52 18.40 15.55
C GLU A 144 -12.71 18.35 17.06
C GLU A 144 -12.72 18.36 17.07
N GLN A 145 -12.36 17.23 17.67
CA GLN A 145 -12.23 17.13 19.13
C GLN A 145 -11.01 16.27 19.42
N VAL A 146 -10.21 16.70 20.38
CA VAL A 146 -9.04 15.91 20.85
C VAL A 146 -9.34 15.45 22.27
N TYR A 147 -8.92 14.22 22.55
CA TYR A 147 -9.07 13.60 23.88
C TYR A 147 -7.72 13.05 24.30
N HIS A 148 -7.57 12.91 25.61
CA HIS A 148 -6.43 12.20 26.23
C HIS A 148 -7.00 11.25 27.26
N HIS A 149 -6.79 9.96 27.08
CA HIS A 149 -7.37 8.93 27.98
C HIS A 149 -8.89 9.10 27.99
N GLY A 150 -9.47 9.53 26.88
CA GLY A 150 -10.93 9.67 26.74
C GLY A 150 -11.44 11.02 27.20
N VAL A 151 -10.60 11.83 27.84
CA VAL A 151 -11.05 13.13 28.42
C VAL A 151 -10.90 14.19 27.34
N PRO A 152 -11.99 14.87 26.96
CA PRO A 152 -11.89 15.93 25.96
C PRO A 152 -10.98 17.07 26.41
N GLN A 153 -10.18 17.58 25.49
CA GLN A 153 -9.32 18.75 25.75
C GLN A 153 -10.11 20.04 25.56
N PHE A 154 -11.13 20.00 24.72
CA PHE A 154 -11.98 21.17 24.40
C PHE A 154 -13.26 20.64 23.79
N PRO A 155 -14.34 21.43 23.78
CA PRO A 155 -15.58 21.01 23.12
C PRO A 155 -15.35 20.84 21.61
N LEU A 156 -16.09 19.94 21.00
CA LEU A 156 -16.05 19.73 19.53
C LEU A 156 -16.16 21.10 18.86
N ARG A 157 -15.23 21.41 17.97
N ARG A 157 -15.23 21.42 17.97
CA ARG A 157 -15.11 22.79 17.44
CA ARG A 157 -15.14 22.80 17.44
C ARG A 157 -15.07 22.75 15.92
C ARG A 157 -15.07 22.76 15.93
N GLU A 158 -15.71 23.74 15.31
CA GLU A 158 -15.77 23.88 13.85
C GLU A 158 -14.44 24.49 13.43
N VAL A 159 -13.69 23.79 12.57
CA VAL A 159 -12.29 24.19 12.21
C VAL A 159 -12.18 24.48 10.71
N GLY A 160 -13.21 24.24 9.92
CA GLY A 160 -13.08 24.43 8.47
C GLY A 160 -14.33 24.06 7.73
N GLU A 161 -14.26 24.14 6.41
N GLU A 161 -14.24 24.13 6.41
CA GLU A 161 -15.36 23.79 5.48
CA GLU A 161 -15.33 23.82 5.45
C GLU A 161 -14.88 22.61 4.65
C GLU A 161 -14.88 22.61 4.64
N THR A 162 -15.82 21.88 4.05
CA THR A 162 -15.54 20.66 3.28
C THR A 162 -16.70 20.42 2.32
N ASP A 163 -16.44 19.72 1.22
CA ASP A 163 -17.49 19.19 0.30
C ASP A 163 -17.76 17.73 0.66
N GLY A 164 -16.93 17.15 1.51
CA GLY A 164 -16.95 15.71 1.85
C GLY A 164 -17.79 15.46 3.08
N SER A 165 -18.01 14.20 3.40
CA SER A 165 -18.65 13.79 4.66
C SER A 165 -17.93 12.56 5.19
N GLY A 166 -17.99 12.39 6.49
CA GLY A 166 -17.57 11.15 7.13
C GLY A 166 -16.83 11.42 8.41
N THR A 167 -16.30 10.34 8.97
CA THR A 167 -15.70 10.34 10.31
C THR A 167 -14.26 9.87 10.18
N GLU A 168 -13.37 10.54 10.88
CA GLU A 168 -11.94 10.18 10.95
C GLU A 168 -11.52 10.12 12.40
N VAL A 169 -10.95 8.98 12.79
CA VAL A 169 -10.49 8.73 14.17
C VAL A 169 -9.02 8.39 14.10
N HIS A 170 -8.18 9.24 14.68
CA HIS A 170 -6.73 9.01 14.82
C HIS A 170 -6.46 8.74 16.28
N PHE A 171 -6.05 7.52 16.64
CA PHE A 171 -5.84 7.18 18.05
C PHE A 171 -4.46 6.59 18.24
N LYS A 172 -3.92 6.88 19.41
CA LYS A 172 -2.59 6.41 19.86
C LYS A 172 -2.83 5.52 21.07
N PRO A 173 -2.74 4.18 20.95
CA PRO A 173 -2.99 3.30 22.09
C PRO A 173 -2.09 3.67 23.27
N SER A 174 -2.65 3.68 24.47
CA SER A 174 -1.90 4.04 25.70
C SER A 174 -0.87 2.96 26.03
N PRO A 175 0.42 3.33 26.19
CA PRO A 175 1.41 2.38 26.70
C PRO A 175 1.22 2.04 28.19
N GLU A 176 0.37 2.77 28.90
CA GLU A 176 -0.02 2.47 30.30
C GLU A 176 -1.00 1.28 30.29
N THR A 177 -1.70 1.05 29.19
CA THR A 177 -2.67 -0.05 29.05
C THR A 177 -2.02 -1.24 28.33
N PHE A 178 -1.38 -0.97 27.19
CA PHE A 178 -0.89 -2.02 26.27
C PHE A 178 0.62 -2.14 26.37
N SER A 179 1.10 -3.38 26.42
CA SER A 179 2.53 -3.70 26.19
C SER A 179 2.72 -4.08 24.71
N ASN A 180 3.94 -3.96 24.20
CA ASN A 180 4.32 -4.38 22.83
C ASN A 180 3.37 -3.74 21.81
N ILE A 181 3.28 -2.41 21.82
CA ILE A 181 2.41 -1.65 20.88
C ILE A 181 3.06 -1.67 19.50
N HIS A 182 2.82 -2.74 18.77
CA HIS A 182 3.30 -2.96 17.39
C HIS A 182 2.16 -3.64 16.64
N PHE A 183 1.61 -2.93 15.68
CA PHE A 183 0.50 -3.46 14.86
C PHE A 183 1.07 -4.48 13.87
N SER A 184 0.25 -5.49 13.60
CA SER A 184 0.54 -6.55 12.62
C SER A 184 -0.23 -6.26 11.33
N TRP A 185 0.49 -6.00 10.25
CA TRP A 185 -0.10 -5.96 8.89
C TRP A 185 -0.95 -7.22 8.69
N ASP A 186 -0.40 -8.39 8.99
CA ASP A 186 -1.06 -9.68 8.67
C ASP A 186 -2.39 -9.77 9.42
N ILE A 187 -2.42 -9.41 10.70
CA ILE A 187 -3.66 -9.52 11.52
C ILE A 187 -4.70 -8.54 10.94
N LEU A 188 -4.31 -7.31 10.66
CA LEU A 188 -5.25 -6.29 10.14
C LEU A 188 -5.74 -6.71 8.75
N ALA A 189 -4.83 -7.12 7.87
CA ALA A 189 -5.19 -7.45 6.47
C ALA A 189 -6.14 -8.63 6.46
N LYS A 190 -5.90 -9.64 7.29
CA LYS A 190 -6.76 -10.86 7.30
C LYS A 190 -8.18 -10.44 7.64
N ARG A 191 -8.37 -9.65 8.69
CA ARG A 191 -9.72 -9.24 9.13
C ARG A 191 -10.33 -8.29 8.11
N ILE A 192 -9.54 -7.37 7.55
CA ILE A 192 -10.08 -6.39 6.57
C ILE A 192 -10.54 -7.14 5.32
N ARG A 193 -9.77 -8.12 4.86
CA ARG A 193 -10.16 -8.93 3.69
C ARG A 193 -11.51 -9.60 3.97
N GLU A 194 -11.72 -10.13 5.18
N GLU A 194 -11.70 -10.12 5.18
CA GLU A 194 -12.99 -10.77 5.61
CA GLU A 194 -12.98 -10.77 5.57
C GLU A 194 -14.10 -9.73 5.61
C GLU A 194 -14.10 -9.73 5.61
N LEU A 195 -13.86 -8.55 6.19
CA LEU A 195 -14.89 -7.49 6.23
C LEU A 195 -15.27 -7.07 4.81
N SER A 196 -14.30 -7.03 3.91
CA SER A 196 -14.56 -6.70 2.48
C SER A 196 -15.51 -7.74 1.88
N PHE A 197 -15.20 -9.02 2.08
CA PHE A 197 -16.02 -10.15 1.59
C PHE A 197 -17.46 -10.04 2.11
N LEU A 198 -17.61 -9.66 3.38
CA LEU A 198 -18.92 -9.63 4.06
C LEU A 198 -19.68 -8.35 3.69
N ASN A 199 -19.00 -7.36 3.11
CA ASN A 199 -19.59 -6.03 2.85
C ASN A 199 -19.27 -5.64 1.41
N SER A 200 -19.98 -6.26 0.46
N SER A 200 -19.98 -6.25 0.47
CA SER A 200 -19.75 -6.08 -0.99
CA SER A 200 -19.73 -6.08 -0.98
C SER A 200 -19.89 -4.59 -1.33
C SER A 200 -19.88 -4.60 -1.32
N GLY A 201 -19.02 -4.09 -2.20
CA GLY A 201 -19.08 -2.70 -2.70
C GLY A 201 -18.33 -1.69 -1.83
N VAL A 202 -17.99 -2.04 -0.59
CA VAL A 202 -17.23 -1.12 0.31
C VAL A 202 -15.76 -1.32 0.01
N GLY A 203 -15.06 -0.24 -0.34
CA GLY A 203 -13.60 -0.26 -0.55
C GLY A 203 -12.90 -0.03 0.77
N ILE A 204 -12.10 -1.00 1.21
CA ILE A 204 -11.36 -0.87 2.50
C ILE A 204 -9.87 -0.84 2.16
N LEU A 205 -9.26 0.32 2.38
CA LEU A 205 -7.83 0.57 2.06
C LEU A 205 -7.01 0.41 3.33
N LEU A 206 -6.02 -0.46 3.32
CA LEU A 206 -5.06 -0.60 4.44
C LEU A 206 -3.73 -0.03 3.98
N ARG A 207 -3.21 0.94 4.73
CA ARG A 207 -1.93 1.62 4.43
C ARG A 207 -1.01 1.47 5.64
N ASP A 208 0.23 1.03 5.44
CA ASP A 208 1.22 0.88 6.52
C ASP A 208 2.36 1.84 6.22
N GLU A 209 2.37 2.98 6.89
CA GLU A 209 3.42 4.02 6.65
C GLU A 209 4.75 3.54 7.23
N ARG A 210 4.78 2.50 8.05
CA ARG A 210 6.05 1.98 8.59
C ARG A 210 6.83 1.32 7.46
N THR A 211 6.16 0.66 6.53
CA THR A 211 6.81 -0.17 5.48
C THR A 211 6.54 0.36 4.08
N GLY A 212 5.55 1.24 3.90
CA GLY A 212 5.08 1.67 2.57
C GLY A 212 4.12 0.66 1.95
N LYS A 213 3.73 -0.39 2.67
CA LYS A 213 2.80 -1.42 2.14
C LYS A 213 1.38 -0.84 2.12
N GLU A 214 0.63 -1.12 1.07
CA GLU A 214 -0.80 -0.69 0.99
C GLU A 214 -1.57 -1.71 0.16
N GLU A 215 -2.85 -1.87 0.46
CA GLU A 215 -3.70 -2.86 -0.21
C GLU A 215 -5.15 -2.39 -0.13
N LEU A 216 -5.81 -2.35 -1.28
CA LEU A 216 -7.26 -2.07 -1.35
C LEU A 216 -7.98 -3.41 -1.38
N PHE A 217 -8.95 -3.57 -0.49
CA PHE A 217 -9.87 -4.72 -0.47
C PHE A 217 -11.24 -4.21 -0.89
N LYS A 218 -11.71 -4.69 -2.03
CA LYS A 218 -13.08 -4.36 -2.49
C LYS A 218 -13.65 -5.59 -3.17
N TYR A 219 -14.73 -6.11 -2.58
CA TYR A 219 -15.42 -7.32 -3.08
C TYR A 219 -16.66 -6.90 -3.86
N GLU A 220 -16.86 -7.45 -5.06
CA GLU A 220 -17.94 -6.99 -5.98
C GLU A 220 -18.98 -8.09 -6.20
N GLY A 221 -18.87 -9.23 -5.51
CA GLY A 221 -19.88 -10.31 -5.55
C GLY A 221 -21.26 -9.77 -5.23
N SER B 9 23.27 -3.04 -19.18
CA SER B 9 21.87 -3.20 -19.68
C SER B 9 21.20 -4.46 -19.10
N SER B 10 21.77 -5.09 -18.07
CA SER B 10 21.18 -6.25 -17.35
C SER B 10 19.74 -5.95 -16.95
N SER B 11 19.49 -4.80 -16.34
CA SER B 11 18.15 -4.44 -15.80
C SER B 11 17.15 -4.33 -16.96
N ILE B 12 17.55 -3.74 -18.08
CA ILE B 12 16.67 -3.60 -19.29
C ILE B 12 16.30 -5.01 -19.78
N LYS B 13 17.27 -5.92 -19.84
CA LYS B 13 17.01 -7.30 -20.33
C LYS B 13 15.98 -7.98 -19.42
N VAL B 14 16.06 -7.78 -18.10
CA VAL B 14 15.08 -8.39 -17.16
C VAL B 14 13.70 -7.77 -17.43
N LEU B 15 13.61 -6.45 -17.51
CA LEU B 15 12.32 -5.75 -17.75
C LEU B 15 11.75 -6.20 -19.09
N LYS B 16 12.59 -6.41 -20.10
CA LYS B 16 12.14 -6.81 -21.45
C LYS B 16 11.53 -8.21 -21.36
N GLY B 17 12.14 -9.11 -20.59
CA GLY B 17 11.60 -10.47 -20.41
C GLY B 17 10.22 -10.42 -19.78
N LEU B 18 10.03 -9.58 -18.76
CA LEU B 18 8.73 -9.46 -18.07
C LEU B 18 7.71 -8.87 -19.05
N ASP B 19 8.16 -7.88 -19.81
CA ASP B 19 7.29 -7.17 -20.78
C ASP B 19 6.79 -8.18 -21.81
N ALA B 20 7.65 -9.09 -22.27
CA ALA B 20 7.30 -10.09 -23.30
C ALA B 20 6.14 -10.94 -22.80
N VAL B 21 6.19 -11.33 -21.53
CA VAL B 21 5.13 -12.19 -20.95
C VAL B 21 3.84 -11.39 -20.85
N ARG B 22 3.92 -10.15 -20.39
N ARG B 22 3.93 -10.15 -20.37
CA ARG B 22 2.71 -9.30 -20.21
CA ARG B 22 2.74 -9.29 -20.15
C ARG B 22 2.10 -8.97 -21.56
C ARG B 22 2.09 -8.96 -21.49
N LYS B 23 2.93 -8.88 -22.61
N LYS B 23 2.89 -8.87 -22.55
CA LYS B 23 2.45 -8.50 -23.96
CA LYS B 23 2.40 -8.47 -23.90
C LYS B 23 1.66 -9.65 -24.58
C LYS B 23 1.68 -9.64 -24.57
N ARG B 24 2.12 -10.89 -24.37
N ARG B 24 2.11 -10.87 -24.34
CA ARG B 24 1.53 -12.08 -25.04
CA ARG B 24 1.55 -12.07 -25.02
C ARG B 24 1.25 -13.15 -23.99
C ARG B 24 1.26 -13.15 -23.99
N PRO B 25 0.42 -12.87 -22.97
CA PRO B 25 0.28 -13.79 -21.85
C PRO B 25 -0.21 -15.19 -22.26
N GLY B 26 -1.09 -15.25 -23.25
CA GLY B 26 -1.65 -16.54 -23.71
C GLY B 26 -0.57 -17.48 -24.22
N MET B 27 0.54 -16.94 -24.73
N MET B 27 0.53 -16.92 -24.74
CA MET B 27 1.67 -17.75 -25.25
CA MET B 27 1.68 -17.71 -25.26
C MET B 27 2.41 -18.44 -24.09
C MET B 27 2.41 -18.41 -24.10
N TYR B 28 2.20 -17.98 -22.85
CA TYR B 28 2.92 -18.51 -21.67
C TYR B 28 1.99 -19.27 -20.74
N ILE B 29 0.80 -18.73 -20.48
CA ILE B 29 -0.08 -19.24 -19.40
C ILE B 29 -1.31 -19.95 -19.97
N GLY B 30 -1.59 -19.75 -21.28
CA GLY B 30 -2.81 -20.30 -21.90
C GLY B 30 -3.94 -19.29 -21.87
N ASP B 31 -5.15 -19.78 -22.06
CA ASP B 31 -6.33 -18.92 -22.29
C ASP B 31 -6.59 -18.08 -21.04
N THR B 32 -6.65 -16.75 -21.19
CA THR B 32 -6.76 -15.80 -20.06
C THR B 32 -8.24 -15.50 -19.75
N ASP B 33 -9.19 -16.12 -20.47
CA ASP B 33 -10.63 -15.77 -20.34
C ASP B 33 -11.48 -16.96 -19.88
N ASP B 34 -11.06 -18.19 -20.16
CA ASP B 34 -11.94 -19.38 -19.97
C ASP B 34 -11.60 -20.09 -18.65
N GLY B 35 -10.68 -19.54 -17.86
CA GLY B 35 -10.30 -20.08 -16.54
C GLY B 35 -9.11 -21.02 -16.61
N THR B 36 -8.71 -21.48 -17.79
CA THR B 36 -7.61 -22.46 -17.92
C THR B 36 -6.32 -21.76 -17.53
N GLY B 37 -5.98 -20.62 -18.13
CA GLY B 37 -4.78 -19.86 -17.76
C GLY B 37 -4.81 -19.46 -16.30
N LEU B 38 -5.97 -19.02 -15.80
CA LEU B 38 -6.08 -18.57 -14.40
C LEU B 38 -5.67 -19.70 -13.45
N HIS B 39 -6.18 -20.91 -13.68
CA HIS B 39 -5.87 -22.05 -12.80
C HIS B 39 -4.42 -22.51 -13.03
N HIS B 40 -3.92 -22.38 -14.25
N HIS B 40 -3.92 -22.37 -14.25
CA HIS B 40 -2.49 -22.67 -14.56
CA HIS B 40 -2.49 -22.67 -14.57
C HIS B 40 -1.58 -21.81 -13.68
C HIS B 40 -1.58 -21.81 -13.68
N MET B 41 -2.00 -20.59 -13.35
CA MET B 41 -1.20 -19.71 -12.45
C MET B 41 -0.96 -20.45 -11.14
N VAL B 42 -2.00 -21.04 -10.57
CA VAL B 42 -1.89 -21.79 -9.30
C VAL B 42 -0.97 -22.99 -9.52
N PHE B 43 -1.23 -23.75 -10.57
CA PHE B 43 -0.54 -25.04 -10.82
C PHE B 43 0.95 -24.80 -11.04
N GLU B 44 1.34 -23.68 -11.68
CA GLU B 44 2.77 -23.38 -11.93
C GLU B 44 3.44 -23.15 -10.57
N VAL B 45 2.81 -22.43 -9.68
CA VAL B 45 3.43 -22.19 -8.35
C VAL B 45 3.48 -23.51 -7.58
N VAL B 46 2.41 -24.27 -7.58
CA VAL B 46 2.37 -25.59 -6.89
C VAL B 46 3.46 -26.50 -7.46
N ASP B 47 3.65 -26.50 -8.78
CA ASP B 47 4.66 -27.37 -9.42
C ASP B 47 6.04 -27.07 -8.84
N ASN B 48 6.33 -25.82 -8.49
CA ASN B 48 7.64 -25.48 -7.90
C ASN B 48 7.74 -26.08 -6.49
N SER B 49 6.65 -26.10 -5.73
CA SER B 49 6.64 -26.77 -4.41
C SER B 49 6.78 -28.28 -4.59
N ILE B 50 6.10 -28.84 -5.59
CA ILE B 50 6.19 -30.31 -5.87
C ILE B 50 7.61 -30.67 -6.26
N ASP B 51 8.30 -29.81 -7.01
CA ASP B 51 9.71 -30.05 -7.42
C ASP B 51 10.57 -30.16 -6.15
N GLU B 52 10.25 -29.35 -5.13
CA GLU B 52 10.96 -29.36 -3.84
C GLU B 52 10.65 -30.67 -3.08
N ALA B 53 9.45 -31.22 -3.25
CA ALA B 53 9.08 -32.53 -2.66
C ALA B 53 9.86 -33.64 -3.37
N LEU B 54 9.90 -33.60 -4.70
CA LEU B 54 10.63 -34.59 -5.52
C LEU B 54 12.11 -34.56 -5.12
N ALA B 55 12.66 -33.38 -4.83
CA ALA B 55 14.07 -33.20 -4.44
C ALA B 55 14.32 -33.79 -3.04
N GLY B 56 13.27 -33.96 -2.24
CA GLY B 56 13.35 -34.61 -0.92
C GLY B 56 13.29 -33.64 0.25
N TYR B 57 12.86 -32.40 0.04
CA TYR B 57 12.91 -31.36 1.11
C TYR B 57 11.54 -30.88 1.55
N CYS B 58 10.52 -31.14 0.76
CA CYS B 58 9.15 -30.67 1.04
C CYS B 58 8.23 -31.86 1.28
N SER B 59 7.50 -31.83 2.39
CA SER B 59 6.50 -32.86 2.76
C SER B 59 5.10 -32.26 2.88
N GLU B 60 4.98 -30.93 2.94
CA GLU B 60 3.69 -30.24 3.18
C GLU B 60 3.58 -29.05 2.21
N ILE B 61 2.46 -28.98 1.51
CA ILE B 61 2.11 -27.84 0.63
C ILE B 61 0.70 -27.43 1.01
N SER B 62 0.47 -26.14 1.16
N SER B 62 0.47 -26.14 1.18
N SER B 62 0.47 -26.14 1.18
CA SER B 62 -0.88 -25.58 1.39
CA SER B 62 -0.89 -25.58 1.39
CA SER B 62 -0.88 -25.56 1.40
C SER B 62 -1.20 -24.62 0.24
C SER B 62 -1.21 -24.63 0.24
C SER B 62 -1.20 -24.62 0.24
N ILE B 63 -2.43 -24.72 -0.28
CA ILE B 63 -2.95 -23.83 -1.34
C ILE B 63 -4.20 -23.20 -0.74
N THR B 64 -4.21 -21.88 -0.61
CA THR B 64 -5.35 -21.15 -0.02
C THR B 64 -5.95 -20.25 -1.09
N ILE B 65 -7.26 -20.38 -1.27
CA ILE B 65 -8.08 -19.43 -2.08
C ILE B 65 -8.59 -18.37 -1.11
N HIS B 66 -8.18 -17.12 -1.31
CA HIS B 66 -8.63 -16.01 -0.46
C HIS B 66 -9.91 -15.42 -1.07
N THR B 67 -10.66 -14.70 -0.27
CA THR B 67 -11.98 -14.18 -0.69
C THR B 67 -11.83 -13.09 -1.75
N ASP B 68 -10.65 -12.50 -1.90
CA ASP B 68 -10.38 -11.49 -2.97
C ASP B 68 -9.88 -12.20 -4.24
N GLU B 69 -9.97 -13.52 -4.29
CA GLU B 69 -9.56 -14.35 -5.46
C GLU B 69 -8.04 -14.21 -5.65
N SER B 70 -7.31 -13.93 -4.58
CA SER B 70 -5.85 -14.10 -4.54
C SER B 70 -5.56 -15.52 -4.03
N ILE B 71 -4.33 -15.97 -4.22
CA ILE B 71 -3.92 -17.37 -3.93
C ILE B 71 -2.65 -17.32 -3.07
N THR B 72 -2.57 -18.15 -2.05
CA THR B 72 -1.28 -18.40 -1.36
C THR B 72 -0.91 -19.87 -1.55
N VAL B 73 0.29 -20.09 -2.03
CA VAL B 73 0.91 -21.45 -2.05
C VAL B 73 2.08 -21.41 -1.10
N ARG B 74 2.06 -22.27 -0.08
CA ARG B 74 3.13 -22.30 0.93
C ARG B 74 3.64 -23.72 1.04
N ASP B 75 4.95 -23.89 1.15
CA ASP B 75 5.54 -25.23 1.35
C ASP B 75 6.51 -25.19 2.51
N ASN B 76 6.94 -26.37 2.95
CA ASN B 76 7.92 -26.50 4.05
C ASN B 76 9.26 -26.98 3.49
N GLY B 77 9.58 -26.59 2.26
CA GLY B 77 10.86 -26.92 1.63
C GLY B 77 12.00 -26.09 2.19
N ARG B 78 13.08 -26.00 1.43
CA ARG B 78 14.32 -25.33 1.88
C ARG B 78 14.12 -23.81 1.91
N GLY B 79 13.18 -23.29 1.15
CA GLY B 79 13.08 -21.85 0.91
C GLY B 79 13.99 -21.46 -0.25
N ILE B 80 13.48 -20.67 -1.18
CA ILE B 80 14.32 -20.21 -2.32
C ILE B 80 15.55 -19.52 -1.72
N PRO B 81 16.77 -19.84 -2.19
CA PRO B 81 17.96 -19.12 -1.72
C PRO B 81 17.84 -17.59 -1.84
N VAL B 82 18.42 -16.90 -0.86
CA VAL B 82 18.25 -15.44 -0.69
C VAL B 82 19.56 -14.70 -0.93
N ASP B 83 20.66 -15.41 -1.12
CA ASP B 83 21.99 -14.76 -1.21
C ASP B 83 22.06 -13.96 -2.50
N ILE B 84 22.73 -12.82 -2.43
CA ILE B 84 22.93 -11.94 -3.61
C ILE B 84 23.99 -12.59 -4.51
N HIS B 85 23.63 -12.81 -5.77
CA HIS B 85 24.55 -13.38 -6.77
C HIS B 85 25.26 -12.22 -7.45
N LYS B 86 26.59 -12.30 -7.51
CA LYS B 86 27.48 -11.24 -8.06
C LYS B 86 27.04 -10.91 -9.49
N GLU B 87 26.68 -11.93 -10.28
CA GLU B 87 26.32 -11.78 -11.71
C GLU B 87 25.09 -10.88 -11.87
N GLU B 88 23.99 -11.14 -11.16
CA GLU B 88 22.73 -10.38 -11.32
C GLU B 88 22.71 -9.17 -10.37
N GLY B 89 23.51 -9.21 -9.30
CA GLY B 89 23.61 -8.15 -8.27
C GLY B 89 22.37 -8.06 -7.39
N VAL B 90 21.51 -9.08 -7.42
CA VAL B 90 20.29 -9.16 -6.58
C VAL B 90 20.19 -10.55 -5.99
N SER B 91 19.31 -10.73 -5.00
CA SER B 91 19.03 -12.05 -4.36
C SER B 91 18.75 -13.10 -5.44
N ALA B 92 19.19 -14.32 -5.20
CA ALA B 92 18.87 -15.46 -6.09
C ALA B 92 17.36 -15.52 -6.25
N ALA B 93 16.61 -15.31 -5.17
CA ALA B 93 15.14 -15.39 -5.20
C ALA B 93 14.58 -14.38 -6.22
N GLU B 94 15.08 -13.16 -6.21
CA GLU B 94 14.60 -12.14 -7.17
C GLU B 94 14.85 -12.62 -8.60
N VAL B 95 16.02 -13.20 -8.86
CA VAL B 95 16.33 -13.72 -10.22
C VAL B 95 15.29 -14.78 -10.58
N ILE B 96 15.03 -15.72 -9.68
CA ILE B 96 14.04 -16.82 -9.92
C ILE B 96 12.67 -16.20 -10.21
N MET B 97 12.29 -15.14 -9.50
CA MET B 97 10.94 -14.58 -9.62
C MET B 97 10.81 -13.70 -10.87
N THR B 98 11.89 -13.30 -11.51
CA THR B 98 11.83 -12.28 -12.58
C THR B 98 12.40 -12.77 -13.92
N VAL B 99 13.16 -13.85 -13.96
CA VAL B 99 13.86 -14.28 -15.19
C VAL B 99 13.34 -15.65 -15.57
N LEU B 100 12.78 -15.78 -16.77
CA LEU B 100 12.37 -17.11 -17.29
C LEU B 100 13.67 -17.90 -17.50
N HIS B 101 13.74 -19.14 -17.09
CA HIS B 101 15.03 -19.90 -17.24
C HIS B 101 16.15 -19.17 -16.50
N ALA B 102 15.89 -18.66 -15.31
CA ALA B 102 16.92 -18.08 -14.43
C ALA B 102 18.12 -19.02 -14.34
N GLY B 103 19.33 -18.52 -14.62
CA GLY B 103 20.57 -19.30 -14.50
C GLY B 103 20.86 -20.15 -15.71
N GLY B 104 19.93 -20.24 -16.67
CA GLY B 104 20.05 -21.12 -17.84
C GLY B 104 19.46 -20.49 -19.08
N LYS B 105 19.02 -21.35 -20.00
CA LYS B 105 18.51 -20.95 -21.33
C LYS B 105 17.26 -21.79 -21.59
N PHE B 106 16.44 -21.44 -22.58
CA PHE B 106 15.17 -22.14 -22.84
C PHE B 106 15.41 -23.62 -23.13
N ASP B 107 16.57 -23.96 -23.70
CA ASP B 107 16.91 -25.34 -24.15
C ASP B 107 16.93 -26.26 -22.92
N ASP B 108 17.25 -25.69 -21.76
CA ASP B 108 17.36 -26.40 -20.46
C ASP B 108 15.99 -26.87 -19.98
N ASN B 109 14.89 -26.22 -20.40
CA ASN B 109 13.53 -26.59 -19.93
C ASN B 109 12.63 -26.88 -21.12
N THR B 110 13.21 -27.34 -22.23
CA THR B 110 12.46 -27.59 -23.50
C THR B 110 12.29 -29.10 -23.65
N TYR B 111 11.04 -29.53 -23.88
CA TYR B 111 10.70 -30.92 -24.27
C TYR B 111 11.20 -31.14 -25.70
N LYS B 112 12.12 -32.08 -25.94
CA LYS B 112 12.80 -32.25 -27.25
C LYS B 112 11.78 -32.66 -28.32
N VAL B 113 10.71 -33.36 -27.93
CA VAL B 113 9.65 -33.87 -28.86
C VAL B 113 8.78 -32.72 -29.40
N SER B 114 8.31 -31.81 -28.54
CA SER B 114 7.36 -30.71 -28.91
C SER B 114 8.09 -29.39 -29.19
N GLY B 115 9.31 -29.22 -28.66
CA GLY B 115 10.02 -27.92 -28.65
C GLY B 115 9.38 -26.96 -27.66
N GLY B 116 8.45 -27.44 -26.83
CA GLY B 116 7.71 -26.61 -25.88
C GLY B 116 8.36 -26.68 -24.51
N LEU B 117 7.95 -25.81 -23.60
CA LEU B 117 8.49 -25.74 -22.22
C LEU B 117 7.79 -26.78 -21.34
N HIS B 118 8.53 -27.40 -20.42
CA HIS B 118 7.97 -28.37 -19.46
C HIS B 118 6.99 -27.64 -18.51
N GLY B 119 7.24 -26.36 -18.29
CA GLY B 119 6.40 -25.42 -17.55
C GLY B 119 7.02 -24.06 -17.77
N VAL B 120 6.34 -22.97 -17.44
CA VAL B 120 6.93 -21.60 -17.60
C VAL B 120 7.60 -21.23 -16.28
N GLY B 121 6.92 -21.49 -15.17
CA GLY B 121 7.44 -21.24 -13.83
C GLY B 121 6.94 -19.94 -13.23
N VAL B 122 7.49 -19.62 -12.06
N VAL B 122 7.50 -19.61 -12.08
CA VAL B 122 6.96 -18.56 -11.17
CA VAL B 122 6.92 -18.59 -11.19
C VAL B 122 7.15 -17.20 -11.81
C VAL B 122 7.15 -17.20 -11.80
N SER B 123 8.14 -17.00 -12.68
CA SER B 123 8.38 -15.63 -13.22
C SER B 123 7.20 -15.24 -14.12
N VAL B 124 6.58 -16.20 -14.79
CA VAL B 124 5.39 -15.90 -15.62
C VAL B 124 4.23 -15.56 -14.69
N VAL B 125 4.05 -16.33 -13.63
CA VAL B 125 2.98 -16.05 -12.64
C VAL B 125 3.20 -14.63 -12.11
N ASN B 126 4.44 -14.29 -11.79
CA ASN B 126 4.79 -12.97 -11.25
C ASN B 126 4.45 -11.87 -12.27
N ALA B 127 4.89 -12.04 -13.50
CA ALA B 127 4.65 -11.02 -14.56
C ALA B 127 3.15 -10.77 -14.72
N LEU B 128 2.32 -11.80 -14.56
CA LEU B 128 0.87 -11.74 -14.82
C LEU B 128 0.07 -11.53 -13.53
N SER B 129 0.76 -11.17 -12.44
CA SER B 129 0.11 -10.83 -11.16
C SER B 129 0.24 -9.33 -10.94
N HIS B 130 -0.86 -8.64 -10.66
CA HIS B 130 -0.77 -7.19 -10.39
C HIS B 130 0.01 -6.97 -9.09
N GLU B 131 -0.04 -7.94 -8.18
CA GLU B 131 0.76 -7.91 -6.95
C GLU B 131 1.14 -9.34 -6.59
N LEU B 132 2.37 -9.54 -6.16
CA LEU B 132 2.81 -10.86 -5.66
C LEU B 132 3.72 -10.60 -4.48
N ARG B 133 3.46 -11.32 -3.38
N ARG B 133 3.47 -11.31 -3.38
CA ARG B 133 4.34 -11.26 -2.19
CA ARG B 133 4.34 -11.27 -2.17
C ARG B 133 5.02 -12.61 -2.03
C ARG B 133 5.02 -12.61 -2.03
N LEU B 134 6.35 -12.59 -2.02
CA LEU B 134 7.18 -13.78 -1.76
C LEU B 134 7.67 -13.69 -0.32
N THR B 135 7.42 -14.75 0.44
CA THR B 135 7.93 -14.88 1.81
C THR B 135 8.75 -16.16 1.85
N ILE B 136 10.01 -16.03 2.22
CA ILE B 136 10.93 -17.19 2.33
C ILE B 136 11.30 -17.35 3.79
N ARG B 137 11.24 -18.59 4.26
CA ARG B 137 11.73 -18.97 5.60
C ARG B 137 12.98 -19.81 5.38
N ARG B 138 14.13 -19.25 5.72
CA ARG B 138 15.44 -19.85 5.41
C ARG B 138 16.48 -19.24 6.34
N HIS B 139 17.43 -20.03 6.81
CA HIS B 139 18.49 -19.56 7.75
C HIS B 139 17.82 -19.03 9.03
N ASN B 140 16.64 -19.55 9.40
CA ASN B 140 15.88 -19.12 10.61
C ASN B 140 15.49 -17.64 10.51
N LYS B 141 15.42 -17.12 9.28
CA LYS B 141 14.93 -15.76 9.02
C LYS B 141 13.74 -15.83 8.08
N VAL B 142 12.89 -14.83 8.19
CA VAL B 142 11.78 -14.57 7.25
C VAL B 142 12.24 -13.45 6.32
N TRP B 143 12.12 -13.69 5.02
CA TRP B 143 12.56 -12.76 3.95
C TRP B 143 11.32 -12.46 3.12
N GLU B 144 11.20 -11.22 2.67
CA GLU B 144 10.01 -10.81 1.90
C GLU B 144 10.45 -9.97 0.70
N GLN B 145 9.78 -10.19 -0.42
CA GLN B 145 9.88 -9.29 -1.58
C GLN B 145 8.48 -9.17 -2.15
N VAL B 146 8.10 -7.96 -2.51
CA VAL B 146 6.81 -7.68 -3.17
C VAL B 146 7.11 -7.22 -4.58
N TYR B 147 6.27 -7.64 -5.51
CA TYR B 147 6.37 -7.27 -6.94
C TYR B 147 5.00 -6.76 -7.38
N HIS B 148 5.04 -5.92 -8.41
CA HIS B 148 3.83 -5.47 -9.14
C HIS B 148 4.10 -5.71 -10.62
N HIS B 149 3.29 -6.58 -11.24
CA HIS B 149 3.48 -6.97 -12.65
C HIS B 149 4.91 -7.51 -12.83
N GLY B 150 5.43 -8.18 -11.80
CA GLY B 150 6.75 -8.82 -11.84
C GLY B 150 7.89 -7.89 -11.47
N VAL B 151 7.63 -6.60 -11.31
CA VAL B 151 8.71 -5.62 -11.02
C VAL B 151 8.85 -5.54 -9.51
N PRO B 152 10.06 -5.84 -8.96
CA PRO B 152 10.28 -5.76 -7.53
C PRO B 152 10.06 -4.33 -7.01
N GLN B 153 9.36 -4.21 -5.88
CA GLN B 153 9.09 -2.90 -5.24
C GLN B 153 10.30 -2.49 -4.40
N PHE B 154 11.05 -3.47 -3.91
CA PHE B 154 12.26 -3.26 -3.07
C PHE B 154 13.06 -4.55 -3.12
N PRO B 155 14.36 -4.52 -2.77
CA PRO B 155 15.14 -5.75 -2.70
C PRO B 155 14.61 -6.67 -1.60
N LEU B 156 14.78 -7.98 -1.82
CA LEU B 156 14.42 -9.00 -0.80
C LEU B 156 14.99 -8.56 0.54
N ARG B 157 14.16 -8.53 1.58
CA ARG B 157 14.59 -7.98 2.88
C ARG B 157 14.23 -8.96 4.01
N GLU B 158 15.05 -8.98 5.05
CA GLU B 158 14.78 -9.73 6.29
C GLU B 158 13.68 -9.00 7.07
N VAL B 159 12.57 -9.68 7.35
CA VAL B 159 11.41 -9.08 8.09
C VAL B 159 11.16 -9.76 9.43
N GLY B 160 11.87 -10.84 9.78
CA GLY B 160 11.59 -11.57 11.03
C GLY B 160 12.47 -12.77 11.21
N GLU B 161 12.26 -13.49 12.32
CA GLU B 161 12.94 -14.77 12.64
C GLU B 161 11.88 -15.87 12.60
N THR B 162 12.31 -17.11 12.42
CA THR B 162 11.41 -18.27 12.30
C THR B 162 12.16 -19.53 12.69
N ASP B 163 11.43 -20.56 13.15
CA ASP B 163 11.96 -21.93 13.33
C ASP B 163 11.60 -22.78 12.11
N GLY B 164 10.79 -22.24 11.21
CA GLY B 164 10.28 -22.95 10.02
C GLY B 164 11.18 -22.74 8.81
N SER B 165 10.89 -23.45 7.74
CA SER B 165 11.57 -23.25 6.44
C SER B 165 10.53 -23.42 5.33
N GLY B 166 10.78 -22.78 4.21
CA GLY B 166 10.01 -23.02 3.00
C GLY B 166 9.66 -21.72 2.30
N THR B 167 8.85 -21.86 1.27
CA THR B 167 8.54 -20.75 0.34
C THR B 167 7.04 -20.51 0.38
N GLU B 168 6.65 -19.25 0.41
CA GLU B 168 5.25 -18.81 0.41
C GLU B 168 5.08 -17.77 -0.70
N VAL B 169 4.13 -18.01 -1.57
CA VAL B 169 3.83 -17.10 -2.71
C VAL B 169 2.36 -16.73 -2.60
N HIS B 170 2.10 -15.45 -2.40
CA HIS B 170 0.74 -14.88 -2.39
C HIS B 170 0.60 -14.02 -3.63
N PHE B 171 -0.24 -14.41 -4.57
CA PHE B 171 -0.34 -13.65 -5.85
C PHE B 171 -1.79 -13.30 -6.15
N LYS B 172 -1.92 -12.15 -6.80
CA LYS B 172 -3.20 -11.59 -7.27
C LYS B 172 -3.13 -11.53 -8.78
N PRO B 173 -3.81 -12.44 -9.50
CA PRO B 173 -3.80 -12.39 -10.96
C PRO B 173 -4.23 -11.01 -11.47
N SER B 174 -3.52 -10.50 -12.47
CA SER B 174 -3.77 -9.15 -13.03
C SER B 174 -5.09 -9.16 -13.78
N PRO B 175 -6.04 -8.25 -13.46
CA PRO B 175 -7.24 -8.11 -14.28
C PRO B 175 -6.97 -7.45 -15.65
N GLU B 176 -5.77 -6.93 -15.88
CA GLU B 176 -5.33 -6.45 -17.22
C GLU B 176 -5.02 -7.66 -18.12
N THR B 177 -4.72 -8.81 -17.51
CA THR B 177 -4.41 -10.05 -18.26
C THR B 177 -5.65 -10.97 -18.29
N PHE B 178 -6.24 -11.23 -17.12
CA PHE B 178 -7.30 -12.24 -16.95
C PHE B 178 -8.66 -11.58 -16.82
N SER B 179 -9.65 -12.17 -17.49
N SER B 179 -9.66 -12.16 -17.49
CA SER B 179 -11.09 -11.88 -17.27
CA SER B 179 -11.09 -11.86 -17.24
C SER B 179 -11.66 -12.95 -16.35
C SER B 179 -11.66 -12.95 -16.35
N ASN B 180 -12.82 -12.67 -15.73
CA ASN B 180 -13.61 -13.69 -14.98
C ASN B 180 -12.74 -14.34 -13.90
N ILE B 181 -12.12 -13.53 -13.05
CA ILE B 181 -11.15 -14.00 -12.03
C ILE B 181 -11.93 -14.63 -10.88
N HIS B 182 -12.25 -15.91 -11.04
CA HIS B 182 -13.02 -16.71 -10.04
C HIS B 182 -12.42 -18.11 -9.98
N PHE B 183 -11.79 -18.43 -8.86
CA PHE B 183 -11.13 -19.75 -8.69
C PHE B 183 -12.18 -20.81 -8.36
N SER B 184 -11.93 -21.97 -8.93
CA SER B 184 -12.81 -23.14 -8.79
C SER B 184 -12.18 -24.14 -7.82
N TRP B 185 -12.86 -24.39 -6.70
CA TRP B 185 -12.51 -25.52 -5.80
C TRP B 185 -12.36 -26.79 -6.65
N ASP B 186 -13.34 -27.06 -7.50
CA ASP B 186 -13.42 -28.36 -8.22
C ASP B 186 -12.20 -28.51 -9.12
N ILE B 187 -11.82 -27.45 -9.85
CA ILE B 187 -10.66 -27.52 -10.80
C ILE B 187 -9.38 -27.74 -10.00
N LEU B 188 -9.19 -26.99 -8.92
CA LEU B 188 -7.97 -27.10 -8.08
C LEU B 188 -7.93 -28.48 -7.43
N ALA B 189 -9.03 -28.93 -6.83
CA ALA B 189 -9.06 -30.21 -6.09
C ALA B 189 -8.77 -31.37 -7.04
N LYS B 190 -9.33 -31.35 -8.26
CA LYS B 190 -9.14 -32.45 -9.23
C LYS B 190 -7.63 -32.58 -9.52
N ARG B 191 -6.97 -31.47 -9.82
CA ARG B 191 -5.52 -31.51 -10.18
C ARG B 191 -4.71 -31.86 -8.93
N ILE B 192 -5.07 -31.33 -7.77
CA ILE B 192 -4.29 -31.60 -6.52
C ILE B 192 -4.39 -33.10 -6.19
N ARG B 193 -5.57 -33.70 -6.34
N ARG B 193 -5.57 -33.70 -6.34
CA ARG B 193 -5.74 -35.15 -6.09
CA ARG B 193 -5.76 -35.16 -6.11
C ARG B 193 -4.77 -35.93 -7.01
C ARG B 193 -4.77 -35.93 -7.01
N GLU B 194 -4.68 -35.53 -8.27
CA GLU B 194 -3.74 -36.17 -9.25
C GLU B 194 -2.30 -35.98 -8.79
N LEU B 195 -1.93 -34.75 -8.43
CA LEU B 195 -0.55 -34.44 -7.97
C LEU B 195 -0.22 -35.26 -6.72
N SER B 196 -1.19 -35.43 -5.81
N SER B 196 -1.19 -35.43 -5.82
CA SER B 196 -1.02 -36.22 -4.58
CA SER B 196 -1.04 -36.21 -4.58
C SER B 196 -0.66 -37.67 -4.95
C SER B 196 -0.68 -37.66 -4.94
N PHE B 197 -1.43 -38.25 -5.88
CA PHE B 197 -1.20 -39.63 -6.35
C PHE B 197 0.21 -39.76 -6.95
N LEU B 198 0.63 -38.76 -7.73
CA LEU B 198 1.93 -38.77 -8.44
C LEU B 198 3.09 -38.50 -7.48
N ASN B 199 2.82 -37.99 -6.28
CA ASN B 199 3.86 -37.55 -5.31
C ASN B 199 3.54 -38.15 -3.95
N SER B 200 3.76 -39.46 -3.79
CA SER B 200 3.47 -40.17 -2.53
C SER B 200 4.21 -39.49 -1.37
N GLY B 201 3.53 -39.35 -0.23
CA GLY B 201 4.13 -38.83 1.00
C GLY B 201 3.98 -37.31 1.17
N VAL B 202 3.70 -36.58 0.09
N VAL B 202 3.71 -36.58 0.09
CA VAL B 202 3.50 -35.11 0.17
CA VAL B 202 3.49 -35.10 0.15
C VAL B 202 2.05 -34.84 0.56
C VAL B 202 2.04 -34.85 0.57
N GLY B 203 1.84 -34.10 1.65
CA GLY B 203 0.49 -33.65 2.03
C GLY B 203 0.18 -32.34 1.34
N ILE B 204 -0.88 -32.30 0.52
CA ILE B 204 -1.30 -31.06 -0.14
C ILE B 204 -2.66 -30.65 0.45
N LEU B 205 -2.67 -29.55 1.18
CA LEU B 205 -3.87 -29.02 1.85
C LEU B 205 -4.46 -27.92 0.96
N LEU B 206 -5.70 -28.10 0.53
CA LEU B 206 -6.46 -27.07 -0.18
C LEU B 206 -7.43 -26.43 0.80
N ARG B 207 -7.37 -25.11 0.91
CA ARG B 207 -8.18 -24.31 1.85
C ARG B 207 -8.91 -23.25 1.03
N ASP B 208 -10.22 -23.17 1.21
CA ASP B 208 -11.06 -22.15 0.54
C ASP B 208 -11.60 -21.22 1.62
N GLU B 209 -11.01 -20.03 1.75
CA GLU B 209 -11.46 -19.06 2.77
C GLU B 209 -12.84 -18.49 2.44
N ARG B 210 -13.31 -18.68 1.21
CA ARG B 210 -14.67 -18.23 0.83
C ARG B 210 -15.71 -19.10 1.55
N THR B 211 -15.42 -20.39 1.72
CA THR B 211 -16.41 -21.40 2.17
C THR B 211 -16.02 -22.02 3.51
N GLY B 212 -14.78 -21.81 3.95
CA GLY B 212 -14.23 -22.47 5.16
C GLY B 212 -13.84 -23.91 4.90
N LYS B 213 -13.96 -24.38 3.65
CA LYS B 213 -13.65 -25.79 3.30
C LYS B 213 -12.13 -25.97 3.30
N GLU B 214 -11.67 -27.09 3.87
N GLU B 214 -11.68 -27.09 3.86
CA GLU B 214 -10.27 -27.51 3.68
CA GLU B 214 -10.26 -27.53 3.80
C GLU B 214 -10.26 -29.03 3.51
C GLU B 214 -10.27 -29.03 3.52
N GLU B 215 -9.35 -29.49 2.65
CA GLU B 215 -9.20 -30.92 2.34
C GLU B 215 -7.72 -31.20 2.19
N LEU B 216 -7.27 -32.22 2.89
CA LEU B 216 -5.90 -32.76 2.76
C LEU B 216 -5.93 -33.86 1.71
N PHE B 217 -5.05 -33.74 0.72
CA PHE B 217 -4.76 -34.77 -0.30
C PHE B 217 -3.38 -35.32 0.03
N LYS B 218 -3.33 -36.57 0.47
CA LYS B 218 -2.06 -37.23 0.85
C LYS B 218 -2.19 -38.71 0.48
N TYR B 219 -1.35 -39.15 -0.46
CA TYR B 219 -1.28 -40.55 -0.92
C TYR B 219 -0.04 -41.18 -0.29
N GLU B 220 -0.19 -42.37 0.31
CA GLU B 220 0.90 -43.10 1.01
C GLU B 220 1.00 -44.52 0.44
N GLY C 17 5.52 18.10 10.46
CA GLY C 17 5.40 16.80 9.74
C GLY C 17 6.62 16.56 8.86
N LEU C 18 7.04 17.58 8.11
CA LEU C 18 8.26 17.51 7.30
C LEU C 18 9.48 17.64 8.21
N ASP C 19 9.36 18.11 9.45
CA ASP C 19 10.44 18.06 10.46
C ASP C 19 10.92 16.61 10.62
N ALA C 20 9.99 15.64 10.64
CA ALA C 20 10.33 14.21 10.80
C ALA C 20 11.23 13.77 9.64
N VAL C 21 10.93 14.23 8.43
CA VAL C 21 11.73 13.86 7.24
C VAL C 21 13.12 14.48 7.37
N ARG C 22 13.20 15.75 7.77
CA ARG C 22 14.49 16.47 7.88
C ARG C 22 15.34 15.83 9.01
N LYS C 23 14.69 15.31 10.04
CA LYS C 23 15.38 14.71 11.22
C LYS C 23 16.01 13.37 10.81
N ARG C 24 15.31 12.56 10.02
CA ARG C 24 15.75 11.17 9.68
C ARG C 24 15.64 10.98 8.17
N PRO C 25 16.37 11.79 7.37
CA PRO C 25 16.18 11.79 5.92
C PRO C 25 16.41 10.42 5.27
N GLY C 26 17.38 9.68 5.77
CA GLY C 26 17.74 8.35 5.24
C GLY C 26 16.57 7.39 5.29
N MET C 27 15.67 7.54 6.26
CA MET C 27 14.50 6.65 6.43
C MET C 27 13.49 6.91 5.31
N TYR C 28 13.58 8.03 4.61
CA TYR C 28 12.59 8.43 3.58
C TYR C 28 13.19 8.42 2.18
N ILE C 29 14.43 8.89 2.04
CA ILE C 29 15.02 9.11 0.70
C ILE C 29 16.16 8.11 0.44
N GLY C 30 16.69 7.44 1.45
CA GLY C 30 17.87 6.57 1.31
C GLY C 30 19.14 7.30 1.70
N ASP C 31 20.28 6.63 1.55
CA ASP C 31 21.58 7.06 2.11
C ASP C 31 21.93 8.47 1.61
N THR C 32 22.22 9.39 2.53
CA THR C 32 22.44 10.84 2.20
C THR C 32 23.92 11.12 1.91
N ASP C 33 24.79 10.11 1.93
CA ASP C 33 26.25 10.32 1.74
C ASP C 33 26.79 9.59 0.51
N ASP C 34 26.18 8.48 0.08
CA ASP C 34 26.75 7.61 -0.98
C ASP C 34 26.10 7.91 -2.34
N GLY C 35 25.20 8.90 -2.39
CA GLY C 35 24.57 9.36 -3.63
C GLY C 35 23.24 8.68 -3.90
N THR C 36 22.90 7.60 -3.18
CA THR C 36 21.62 6.86 -3.38
C THR C 36 20.44 7.80 -3.13
N GLY C 37 20.40 8.40 -1.94
CA GLY C 37 19.35 9.35 -1.56
C GLY C 37 19.30 10.53 -2.51
N LEU C 38 20.46 11.08 -2.86
CA LEU C 38 20.53 12.27 -3.71
C LEU C 38 19.84 11.97 -5.05
N HIS C 39 20.13 10.83 -5.65
CA HIS C 39 19.56 10.48 -6.97
C HIS C 39 18.08 10.11 -6.81
N HIS C 40 17.71 9.52 -5.67
CA HIS C 40 16.30 9.22 -5.36
C HIS C 40 15.48 10.52 -5.39
N MET C 41 16.08 11.65 -5.00
CA MET C 41 15.37 12.95 -5.04
C MET C 41 14.86 13.19 -6.46
N VAL C 42 15.74 12.98 -7.43
CA VAL C 42 15.37 13.17 -8.85
C VAL C 42 14.28 12.17 -9.23
N PHE C 43 14.50 10.91 -8.89
N PHE C 43 14.44 10.91 -8.90
CA PHE C 43 13.64 9.80 -9.34
CA PHE C 43 13.51 9.90 -9.47
C PHE C 43 12.23 9.99 -8.76
C PHE C 43 12.16 9.97 -8.75
N GLU C 44 12.10 10.49 -7.53
CA GLU C 44 10.77 10.70 -6.91
C GLU C 44 10.01 11.73 -7.75
N VAL C 45 10.67 12.80 -8.14
CA VAL C 45 9.99 13.87 -8.93
C VAL C 45 9.64 13.31 -10.30
N VAL C 46 10.59 12.63 -10.93
CA VAL C 46 10.37 12.04 -12.29
C VAL C 46 9.23 11.03 -12.20
N ASP C 47 9.15 10.23 -11.14
CA ASP C 47 8.08 9.21 -10.99
C ASP C 47 6.70 9.90 -11.05
N ASN C 48 6.58 11.09 -10.51
CA ASN C 48 5.30 11.83 -10.56
C ASN C 48 4.98 12.21 -12.00
N SER C 49 5.98 12.61 -12.78
CA SER C 49 5.79 12.92 -14.22
C SER C 49 5.43 11.64 -14.98
N ILE C 50 6.10 10.54 -14.65
CA ILE C 50 5.85 9.23 -15.30
C ILE C 50 4.41 8.80 -15.02
N ASP C 51 3.89 9.06 -13.83
CA ASP C 51 2.47 8.71 -13.52
C ASP C 51 1.55 9.41 -14.52
N GLU C 52 1.89 10.65 -14.90
CA GLU C 52 1.12 11.43 -15.89
C GLU C 52 1.26 10.80 -17.28
N ALA C 53 2.42 10.22 -17.60
CA ALA C 53 2.62 9.51 -18.89
C ALA C 53 1.78 8.22 -18.88
N LEU C 54 1.81 7.46 -17.79
CA LEU C 54 1.03 6.21 -17.66
C LEU C 54 -0.47 6.53 -17.83
N ALA C 55 -0.91 7.68 -17.29
CA ALA C 55 -2.32 8.11 -17.35
C ALA C 55 -2.69 8.53 -18.78
N GLY C 56 -1.71 8.82 -19.63
CA GLY C 56 -1.91 9.16 -21.06
C GLY C 56 -1.87 10.66 -21.36
N TYR C 57 -1.30 11.47 -20.48
CA TYR C 57 -1.32 12.95 -20.64
C TYR C 57 0.07 13.55 -20.82
N CYS C 58 1.12 12.78 -20.57
CA CYS C 58 2.50 13.29 -20.63
C CYS C 58 3.27 12.47 -21.67
N SER C 59 3.91 13.17 -22.60
CA SER C 59 4.75 12.57 -23.66
C SER C 59 6.20 13.05 -23.58
N GLU C 60 6.48 14.10 -22.80
N GLU C 60 6.47 14.12 -22.82
CA GLU C 60 7.81 14.73 -22.72
CA GLU C 60 7.83 14.72 -22.75
C GLU C 60 8.15 15.00 -21.26
C GLU C 60 8.16 15.03 -21.28
N ILE C 61 9.32 14.55 -20.84
CA ILE C 61 9.90 14.89 -19.52
C ILE C 61 11.31 15.38 -19.81
N SER C 62 11.70 16.48 -19.19
CA SER C 62 13.09 16.98 -19.24
C SER C 62 13.64 17.00 -17.81
N ILE C 63 14.87 16.52 -17.67
CA ILE C 63 15.61 16.55 -16.37
C ILE C 63 16.87 17.36 -16.65
N THR C 64 17.02 18.48 -15.99
CA THR C 64 18.16 19.40 -16.20
C THR C 64 18.98 19.45 -14.92
N ILE C 65 20.27 19.19 -15.04
CA ILE C 65 21.24 19.39 -13.95
C ILE C 65 21.85 20.76 -14.17
N HIS C 66 21.69 21.65 -13.20
CA HIS C 66 22.20 23.03 -13.26
C HIS C 66 23.63 23.08 -12.71
N THR C 67 24.35 24.16 -12.97
CA THR C 67 25.76 24.30 -12.53
C THR C 67 25.86 24.29 -10.99
N ASP C 68 24.79 24.65 -10.27
CA ASP C 68 24.78 24.67 -8.79
C ASP C 68 24.32 23.31 -8.25
N GLU C 69 24.24 22.28 -9.12
CA GLU C 69 23.83 20.90 -8.73
C GLU C 69 22.38 20.90 -8.24
N SER C 70 21.60 21.87 -8.68
CA SER C 70 20.12 21.82 -8.55
C SER C 70 19.57 21.10 -9.78
N ILE C 71 18.29 20.75 -9.69
CA ILE C 71 17.64 19.89 -10.71
C ILE C 71 16.33 20.56 -11.09
N THR C 72 16.04 20.58 -12.39
CA THR C 72 14.68 20.88 -12.87
C THR C 72 14.12 19.64 -13.56
N VAL C 73 12.95 19.21 -13.11
CA VAL C 73 12.16 18.16 -13.80
C VAL C 73 10.92 18.86 -14.34
N ARG C 74 10.75 18.83 -15.65
CA ARG C 74 9.59 19.48 -16.31
C ARG C 74 8.89 18.44 -17.16
N ASP C 75 7.57 18.44 -17.11
CA ASP C 75 6.77 17.53 -17.95
C ASP C 75 5.71 18.34 -18.68
N ASN C 76 5.11 17.73 -19.69
CA ASN C 76 4.01 18.34 -20.46
C ASN C 76 2.68 17.65 -20.11
N GLY C 77 2.54 17.19 -18.87
CA GLY C 77 1.29 16.57 -18.38
C GLY C 77 0.24 17.64 -18.09
N ARG C 78 -0.76 17.28 -17.29
CA ARG C 78 -1.93 18.16 -17.07
C ARG C 78 -1.57 19.34 -16.17
N GLY C 79 -0.47 19.25 -15.42
CA GLY C 79 -0.17 20.23 -14.37
C GLY C 79 -0.85 19.84 -13.08
N ILE C 80 -0.13 19.85 -11.96
CA ILE C 80 -0.75 19.55 -10.64
C ILE C 80 -1.95 20.48 -10.46
N PRO C 81 -3.12 19.95 -10.09
CA PRO C 81 -4.27 20.82 -9.83
C PRO C 81 -3.98 21.94 -8.83
N VAL C 82 -4.60 23.08 -9.08
CA VAL C 82 -4.31 24.36 -8.37
C VAL C 82 -5.51 24.81 -7.54
N ASP C 83 -6.64 24.11 -7.67
CA ASP C 83 -7.91 24.40 -6.93
C ASP C 83 -7.62 24.38 -5.43
N ILE C 84 -8.28 25.24 -4.67
CA ILE C 84 -8.15 25.24 -3.18
C ILE C 84 -8.77 23.95 -2.64
N HIS C 85 -8.00 23.23 -1.84
CA HIS C 85 -8.45 22.10 -0.98
C HIS C 85 -9.22 22.72 0.17
N LYS C 86 -10.54 22.56 0.18
CA LYS C 86 -11.49 23.35 1.00
C LYS C 86 -11.08 23.22 2.47
N GLU C 87 -10.74 22.00 2.91
CA GLU C 87 -10.43 21.71 4.34
C GLU C 87 -9.13 22.40 4.75
N GLU C 88 -8.07 22.30 3.94
CA GLU C 88 -6.72 22.82 4.26
C GLU C 88 -6.63 24.32 3.92
N GLY C 89 -7.52 24.83 3.07
CA GLY C 89 -7.63 26.28 2.77
C GLY C 89 -6.50 26.75 1.87
N VAL C 90 -5.79 25.82 1.23
CA VAL C 90 -4.67 26.13 0.30
C VAL C 90 -4.86 25.30 -0.97
N SER C 91 -4.17 25.68 -2.04
CA SER C 91 -4.16 24.95 -3.33
C SER C 91 -3.86 23.46 -3.08
N ALA C 92 -4.48 22.61 -3.88
CA ALA C 92 -4.18 21.16 -3.90
C ALA C 92 -2.68 20.99 -4.08
N ALA C 93 -2.05 21.78 -4.96
CA ALA C 93 -0.61 21.68 -5.23
C ALA C 93 0.17 21.86 -3.92
N GLU C 94 -0.16 22.88 -3.12
CA GLU C 94 0.56 23.12 -1.85
C GLU C 94 0.40 21.89 -0.95
N VAL C 95 -0.80 21.32 -0.85
CA VAL C 95 -1.01 20.13 0.02
C VAL C 95 -0.06 19.01 -0.44
N ILE C 96 -0.05 18.74 -1.75
CA ILE C 96 0.79 17.68 -2.34
C ILE C 96 2.25 17.95 -2.02
N MET C 97 2.68 19.20 -2.09
CA MET C 97 4.12 19.52 -1.95
C MET C 97 4.53 19.52 -0.48
N THR C 98 3.62 19.59 0.49
CA THR C 98 4.01 19.97 1.88
C THR C 98 3.60 18.94 2.93
N VAL C 99 2.81 17.95 2.58
CA VAL C 99 2.29 16.98 3.57
C VAL C 99 2.98 15.63 3.32
N LEU C 100 3.62 15.07 4.33
CA LEU C 100 4.51 13.90 4.21
C LEU C 100 3.77 12.74 3.53
N HIS C 101 2.57 12.45 3.99
CA HIS C 101 1.69 11.39 3.43
C HIS C 101 0.48 12.12 2.84
N ALA C 102 0.72 12.85 1.76
CA ALA C 102 -0.29 13.78 1.17
C ALA C 102 -1.50 13.01 0.68
N GLY C 103 -1.39 11.72 0.37
CA GLY C 103 -2.54 10.87 -0.03
C GLY C 103 -3.61 10.87 1.06
N GLY C 104 -3.18 10.89 2.32
CA GLY C 104 -4.08 10.96 3.49
C GLY C 104 -5.08 12.09 3.37
N LYS C 105 -4.68 13.24 2.83
CA LYS C 105 -5.49 14.47 2.82
C LYS C 105 -6.58 14.41 1.73
N PHE C 106 -6.54 13.42 0.84
CA PHE C 106 -7.52 13.28 -0.26
C PHE C 106 -8.46 12.11 0.06
N ASP C 107 -9.62 12.06 -0.61
CA ASP C 107 -10.58 10.93 -0.54
C ASP C 107 -9.96 9.71 -1.22
N ASP C 108 -10.42 8.49 -0.92
CA ASP C 108 -9.77 7.22 -1.31
C ASP C 108 -9.86 6.99 -2.82
N ASN C 109 -10.85 7.58 -3.49
CA ASN C 109 -11.03 7.44 -4.97
C ASN C 109 -10.01 8.32 -5.69
N THR C 110 -9.82 9.55 -5.21
CA THR C 110 -8.75 10.48 -5.66
C THR C 110 -7.37 9.84 -5.44
N TYR C 111 -7.14 9.22 -4.28
CA TYR C 111 -5.87 8.55 -3.90
C TYR C 111 -5.61 7.35 -4.80
N LYS C 112 -6.67 6.64 -5.20
CA LYS C 112 -6.57 5.39 -6.00
C LYS C 112 -5.97 5.69 -7.37
N VAL C 113 -6.22 6.89 -7.91
CA VAL C 113 -5.91 7.28 -9.32
C VAL C 113 -4.72 8.25 -9.34
N SER C 114 -4.30 8.75 -8.17
CA SER C 114 -3.19 9.73 -8.00
C SER C 114 -1.94 8.99 -7.51
N GLY C 115 -1.22 8.35 -8.45
CA GLY C 115 0.01 7.57 -8.17
C GLY C 115 1.02 8.35 -7.35
N GLY C 116 1.07 9.68 -7.55
CA GLY C 116 1.98 10.57 -6.81
C GLY C 116 1.70 10.61 -5.33
N LEU C 117 0.46 10.34 -4.91
CA LEU C 117 0.02 10.40 -3.49
C LEU C 117 0.39 9.11 -2.74
N HIS C 118 1.02 8.13 -3.39
CA HIS C 118 1.37 6.81 -2.79
C HIS C 118 2.85 6.76 -2.36
N GLY C 119 3.09 6.32 -1.13
CA GLY C 119 4.45 6.08 -0.58
C GLY C 119 5.24 7.37 -0.51
N VAL C 120 6.53 7.34 -0.90
CA VAL C 120 7.41 8.53 -0.76
C VAL C 120 7.12 9.49 -1.89
N GLY C 121 6.67 10.68 -1.53
CA GLY C 121 6.19 11.69 -2.49
C GLY C 121 7.21 12.78 -2.74
N VAL C 122 6.79 13.75 -3.53
CA VAL C 122 7.54 15.00 -3.77
C VAL C 122 7.65 15.81 -2.46
N SER C 123 6.77 15.62 -1.48
CA SER C 123 6.88 16.39 -0.22
C SER C 123 8.18 16.01 0.51
N VAL C 124 8.68 14.78 0.38
CA VAL C 124 9.99 14.40 0.97
C VAL C 124 11.09 15.16 0.22
N VAL C 125 11.02 15.20 -1.09
CA VAL C 125 12.02 15.94 -1.91
C VAL C 125 11.99 17.40 -1.47
N ASN C 126 10.80 17.95 -1.28
CA ASN C 126 10.63 19.36 -0.86
C ASN C 126 11.26 19.56 0.52
N ALA C 127 10.96 18.71 1.48
CA ALA C 127 11.49 18.81 2.86
C ALA C 127 13.03 18.85 2.82
N LEU C 128 13.64 18.08 1.92
CA LEU C 128 15.11 17.89 1.88
C LEU C 128 15.76 18.80 0.84
N SER C 129 15.02 19.79 0.33
CA SER C 129 15.55 20.83 -0.59
C SER C 129 15.60 22.16 0.15
N HIS C 130 16.75 22.82 0.16
CA HIS C 130 16.83 24.13 0.84
C HIS C 130 15.95 25.14 0.10
N GLU C 131 15.74 24.95 -1.19
CA GLU C 131 14.80 25.78 -1.98
C GLU C 131 14.18 24.89 -3.04
N LEU C 132 12.88 25.06 -3.26
CA LEU C 132 12.19 24.37 -4.36
C LEU C 132 11.23 25.36 -4.98
N ARG C 133 11.25 25.45 -6.31
N ARG C 133 11.23 25.46 -6.31
CA ARG C 133 10.30 26.29 -7.06
CA ARG C 133 10.30 26.32 -7.05
C ARG C 133 9.41 25.37 -7.88
C ARG C 133 9.41 25.41 -7.90
N LEU C 134 8.10 25.47 -7.66
CA LEU C 134 7.09 24.73 -8.41
C LEU C 134 6.46 25.70 -9.41
N THR C 135 6.44 25.32 -10.67
CA THR C 135 5.74 26.08 -11.72
C THR C 135 4.74 25.12 -12.36
N ILE C 136 3.47 25.48 -12.34
CA ILE C 136 2.40 24.67 -12.98
C ILE C 136 1.84 25.48 -14.14
N ARG C 137 1.71 24.82 -15.29
CA ARG C 137 1.02 25.36 -16.47
C ARG C 137 -0.29 24.58 -16.60
N ARG C 138 -1.40 25.26 -16.35
CA ARG C 138 -2.73 24.59 -16.27
C ARG C 138 -3.80 25.67 -16.48
N HIS C 139 -4.87 25.33 -17.18
CA HIS C 139 -5.95 26.30 -17.51
C HIS C 139 -5.38 27.47 -18.31
N ASN C 140 -4.29 27.27 -19.07
CA ASN C 140 -3.59 28.34 -19.85
C ASN C 140 -3.08 29.44 -18.92
N LYS C 141 -2.83 29.09 -17.66
CA LYS C 141 -2.23 30.00 -16.67
C LYS C 141 -0.94 29.38 -16.16
N VAL C 142 -0.03 30.24 -15.75
CA VAL C 142 1.21 29.83 -15.03
C VAL C 142 0.98 30.11 -13.56
N TRP C 143 1.26 29.12 -12.72
CA TRP C 143 1.09 29.17 -11.25
C TRP C 143 2.46 28.86 -10.66
N GLU C 144 2.83 29.53 -9.58
N GLU C 144 2.84 29.56 -9.60
CA GLU C 144 4.16 29.33 -8.98
CA GLU C 144 4.17 29.37 -8.96
C GLU C 144 4.05 29.29 -7.46
C GLU C 144 4.03 29.27 -7.45
N GLN C 145 4.84 28.42 -6.84
CA GLN C 145 5.03 28.45 -5.38
C GLN C 145 6.50 28.15 -5.12
N VAL C 146 7.07 28.86 -4.17
CA VAL C 146 8.47 28.62 -3.71
C VAL C 146 8.39 28.13 -2.28
N TYR C 147 9.27 27.19 -1.95
CA TYR C 147 9.40 26.60 -0.61
C TYR C 147 10.86 26.66 -0.21
N HIS C 148 11.08 26.65 1.11
N HIS C 148 11.08 26.72 1.10
CA HIS C 148 12.41 26.48 1.71
CA HIS C 148 12.41 26.54 1.75
C HIS C 148 12.30 25.39 2.75
C HIS C 148 12.28 25.38 2.75
N HIS C 149 13.01 24.28 2.55
CA HIS C 149 12.94 23.09 3.44
C HIS C 149 11.48 22.65 3.54
N GLY C 150 10.72 22.82 2.45
CA GLY C 150 9.32 22.36 2.36
C GLY C 150 8.32 23.40 2.84
N VAL C 151 8.77 24.49 3.44
CA VAL C 151 7.85 25.52 4.00
C VAL C 151 7.51 26.50 2.89
N PRO C 152 6.23 26.66 2.53
CA PRO C 152 5.84 27.61 1.49
C PRO C 152 6.21 29.05 1.88
N GLN C 153 6.77 29.80 0.94
N GLN C 153 6.80 29.78 0.94
CA GLN C 153 7.17 31.21 1.20
CA GLN C 153 7.20 31.19 1.13
C GLN C 153 5.96 32.12 0.97
C GLN C 153 5.99 32.11 0.95
N PHE C 154 5.01 31.67 0.15
CA PHE C 154 3.78 32.41 -0.18
C PHE C 154 2.80 31.40 -0.78
N PRO C 155 1.50 31.72 -0.80
CA PRO C 155 0.52 30.82 -1.40
C PRO C 155 0.79 30.69 -2.91
N LEU C 156 0.40 29.56 -3.48
CA LEU C 156 0.48 29.35 -4.95
C LEU C 156 -0.10 30.60 -5.61
N ARG C 157 0.66 31.17 -6.55
CA ARG C 157 0.24 32.45 -7.16
C ARG C 157 0.02 32.27 -8.66
N GLU C 158 -1.00 32.95 -9.15
CA GLU C 158 -1.26 33.06 -10.60
C GLU C 158 -0.26 34.08 -11.13
N VAL C 159 0.58 33.69 -12.07
CA VAL C 159 1.66 34.59 -12.58
C VAL C 159 1.11 35.21 -13.87
N GLY C 160 0.62 34.38 -14.77
CA GLY C 160 0.06 34.91 -16.03
C GLY C 160 -0.35 33.79 -16.95
N GLU C 161 -0.20 34.00 -18.27
CA GLU C 161 -0.78 33.12 -19.30
C GLU C 161 0.31 32.23 -19.91
N THR C 162 -0.13 31.12 -20.50
CA THR C 162 0.74 30.17 -21.22
C THR C 162 -0.12 29.41 -22.22
N ASP C 163 0.52 28.91 -23.28
CA ASP C 163 -0.06 27.99 -24.27
C ASP C 163 0.29 26.54 -23.88
N GLY C 164 1.19 26.37 -22.90
CA GLY C 164 1.67 25.06 -22.47
C GLY C 164 0.84 24.47 -21.34
N SER C 165 1.05 23.20 -21.02
CA SER C 165 0.54 22.58 -19.77
C SER C 165 1.64 21.68 -19.20
N GLY C 166 1.62 21.49 -17.89
CA GLY C 166 2.50 20.53 -17.22
C GLY C 166 3.08 21.09 -15.96
N THR C 167 3.99 20.34 -15.37
CA THR C 167 4.54 20.62 -14.03
C THR C 167 6.05 20.75 -14.16
N GLU C 168 6.59 21.76 -13.51
CA GLU C 168 8.04 22.02 -13.45
C GLU C 168 8.44 22.14 -11.98
N VAL C 169 9.41 21.34 -11.59
CA VAL C 169 9.95 21.33 -10.21
C VAL C 169 11.44 21.60 -10.30
N HIS C 170 11.87 22.71 -9.74
CA HIS C 170 13.29 23.08 -9.63
C HIS C 170 13.66 22.97 -8.15
N PHE C 171 14.49 22.00 -7.80
CA PHE C 171 14.85 21.81 -6.38
C PHE C 171 16.36 21.83 -6.22
N LYS C 172 16.77 22.37 -5.08
CA LYS C 172 18.18 22.49 -4.65
C LYS C 172 18.35 21.61 -3.43
N PRO C 173 18.98 20.42 -3.56
CA PRO C 173 19.15 19.53 -2.42
C PRO C 173 19.85 20.25 -1.26
N SER C 174 19.35 20.05 -0.05
CA SER C 174 19.90 20.70 1.15
C SER C 174 21.28 20.12 1.47
N PRO C 175 22.32 20.97 1.60
CA PRO C 175 23.63 20.50 2.08
C PRO C 175 23.62 20.14 3.57
N GLU C 176 22.56 20.48 4.30
CA GLU C 176 22.36 20.06 5.71
C GLU C 176 21.95 18.58 5.74
N THR C 177 21.38 18.09 4.64
CA THR C 177 20.92 16.68 4.53
C THR C 177 21.95 15.84 3.80
N PHE C 178 22.43 16.32 2.64
CA PHE C 178 23.28 15.52 1.74
C PHE C 178 24.71 16.00 1.82
N SER C 179 25.64 15.05 1.85
CA SER C 179 27.09 15.31 1.59
C SER C 179 27.39 14.98 0.13
N ASN C 180 28.45 15.56 -0.41
CA ASN C 180 28.94 15.26 -1.79
C ASN C 180 27.78 15.45 -2.79
N ILE C 181 27.21 16.65 -2.80
CA ILE C 181 26.08 16.99 -3.72
C ILE C 181 26.66 17.18 -5.12
N HIS C 182 26.80 16.05 -5.81
CA HIS C 182 27.20 15.98 -7.22
C HIS C 182 26.37 14.90 -7.89
N PHE C 183 25.57 15.29 -8.85
CA PHE C 183 24.76 14.34 -9.63
C PHE C 183 25.68 13.57 -10.58
N SER C 184 25.36 12.30 -10.76
CA SER C 184 26.05 11.39 -11.69
C SER C 184 25.21 11.26 -12.95
N TRP C 185 25.73 11.70 -14.08
CA TRP C 185 25.13 11.42 -15.39
C TRP C 185 24.81 9.92 -15.50
N ASP C 186 25.77 9.07 -15.16
CA ASP C 186 25.64 7.61 -15.36
C ASP C 186 24.49 7.05 -14.52
N ILE C 187 24.37 7.47 -13.26
CA ILE C 187 23.29 6.96 -12.38
C ILE C 187 21.95 7.44 -12.91
N LEU C 188 21.84 8.72 -13.29
CA LEU C 188 20.57 9.25 -13.84
C LEU C 188 20.24 8.54 -15.15
N ALA C 189 21.19 8.42 -16.08
CA ALA C 189 20.94 7.82 -17.41
C ALA C 189 20.49 6.37 -17.25
N LYS C 190 21.09 5.62 -16.33
CA LYS C 190 20.74 4.18 -16.15
C LYS C 190 19.25 4.08 -15.79
N ARG C 191 18.80 4.86 -14.81
CA ARG C 191 17.40 4.79 -14.35
C ARG C 191 16.48 5.38 -15.42
N ILE C 192 16.90 6.46 -16.09
CA ILE C 192 16.06 7.08 -17.16
C ILE C 192 15.85 6.07 -18.29
N ARG C 193 16.90 5.34 -18.68
N ARG C 193 16.87 5.31 -18.65
CA ARG C 193 16.79 4.31 -19.73
CA ARG C 193 16.75 4.30 -19.73
C ARG C 193 15.74 3.28 -19.32
C ARG C 193 15.72 3.25 -19.33
N GLU C 194 15.73 2.84 -18.05
CA GLU C 194 14.74 1.88 -17.51
C GLU C 194 13.33 2.49 -17.59
N LEU C 195 13.18 3.72 -17.12
CA LEU C 195 11.84 4.39 -17.10
C LEU C 195 11.35 4.57 -18.54
N SER C 196 12.25 4.89 -19.46
CA SER C 196 11.94 5.06 -20.91
C SER C 196 11.39 3.73 -21.44
N PHE C 197 12.08 2.63 -21.15
CA PHE C 197 11.65 1.29 -21.59
C PHE C 197 10.26 0.96 -21.04
N LEU C 198 10.02 1.27 -19.76
CA LEU C 198 8.76 0.90 -19.05
C LEU C 198 7.62 1.81 -19.49
N ASN C 199 7.94 2.93 -20.15
CA ASN C 199 6.93 3.94 -20.54
C ASN C 199 7.14 4.27 -22.01
N SER C 200 6.78 3.35 -22.90
CA SER C 200 6.98 3.51 -24.36
C SER C 200 6.31 4.79 -24.82
N GLY C 201 6.97 5.54 -25.69
CA GLY C 201 6.43 6.77 -26.30
C GLY C 201 6.83 8.01 -25.54
N VAL C 202 7.21 7.91 -24.26
CA VAL C 202 7.61 9.10 -23.45
C VAL C 202 9.06 9.45 -23.78
N GLY C 203 9.32 10.68 -24.20
CA GLY C 203 10.67 11.19 -24.42
C GLY C 203 11.19 11.76 -23.12
N ILE C 204 12.30 11.22 -22.60
CA ILE C 204 12.94 11.77 -21.38
C ILE C 204 14.28 12.37 -21.80
N LEU C 205 14.38 13.69 -21.72
CA LEU C 205 15.58 14.44 -22.14
C LEU C 205 16.39 14.74 -20.90
N LEU C 206 17.63 14.26 -20.85
CA LEU C 206 18.57 14.57 -19.75
C LEU C 206 19.54 15.62 -20.28
N ARG C 207 19.60 16.75 -19.59
N ARG C 207 19.55 16.80 -19.65
CA ARG C 207 20.43 17.91 -19.96
CA ARG C 207 20.42 17.95 -20.02
C ARG C 207 21.36 18.19 -18.79
C ARG C 207 21.35 18.29 -18.84
N ASP C 208 22.65 18.17 -19.04
CA ASP C 208 23.65 18.49 -18.00
C ASP C 208 24.27 19.84 -18.34
N GLU C 209 23.80 20.90 -17.71
CA GLU C 209 24.33 22.27 -17.98
C GLU C 209 25.73 22.39 -17.39
N ARG C 210 26.17 21.46 -16.54
CA ARG C 210 27.55 21.50 -16.01
C ARG C 210 28.53 21.26 -17.16
N THR C 211 28.18 20.37 -18.11
CA THR C 211 29.09 19.95 -19.20
C THR C 211 28.59 20.36 -20.58
N GLY C 212 27.30 20.68 -20.74
CA GLY C 212 26.66 20.92 -22.03
C GLY C 212 26.16 19.65 -22.67
N LYS C 213 26.34 18.48 -22.03
CA LYS C 213 25.85 17.18 -22.58
C LYS C 213 24.32 17.12 -22.51
N GLU C 214 23.67 16.62 -23.56
CA GLU C 214 22.24 16.29 -23.48
C GLU C 214 21.97 15.00 -24.26
N GLU C 215 21.02 14.21 -23.80
CA GLU C 215 20.65 12.92 -24.43
C GLU C 215 19.15 12.71 -24.27
N LEU C 216 18.48 12.35 -25.37
CA LEU C 216 17.07 11.94 -25.36
C LEU C 216 17.00 10.43 -25.19
N PHE C 217 16.21 9.98 -24.22
CA PHE C 217 15.87 8.56 -23.99
C PHE C 217 14.41 8.36 -24.36
N LYS C 218 14.17 7.66 -25.45
CA LYS C 218 12.81 7.46 -25.98
C LYS C 218 12.74 6.07 -26.59
N TYR C 219 11.90 5.22 -26.00
CA TYR C 219 11.63 3.84 -26.45
C TYR C 219 10.27 3.87 -27.16
N GLU C 220 10.20 3.34 -28.38
CA GLU C 220 8.96 3.40 -29.21
C GLU C 220 8.46 1.99 -29.50
N GLY C 221 8.94 0.98 -28.76
CA GLY C 221 8.59 -0.43 -28.99
C GLY C 221 7.34 -0.82 -28.22
C1 NOV D . -18.70 6.12 16.31
O1 NOV D . -19.92 6.65 15.81
N1 NOV D . -17.79 5.91 11.72
C12 NOV D . -19.07 6.15 12.04
O4 NOV D . -19.85 6.78 11.34
O5 NOV D . -19.40 5.64 13.24
C27 NOV D . -20.78 5.71 15.20
C28 NOV D . -20.74 5.91 13.70
C29 NOV D . -21.71 4.96 13.02
O6 NOV D . -21.39 3.61 13.31
C30 NOV D . -23.10 5.25 13.53
O7 NOV D . -23.15 5.18 14.94
C31 NOV D . -22.18 5.91 15.74
C23 NOV D . -22.58 7.38 15.82
C26 NOV D . -22.28 5.30 17.12
O8 NOV D . -23.35 6.57 13.08
C3 NOV D . -24.62 7.08 13.06
C4 NOV D . -24.70 8.30 12.40
C2 NOV D . -23.51 8.90 11.74
C5 NOV D . -25.95 8.88 12.33
C9 NOV D . -27.09 8.31 12.88
C10 NOV D . -26.96 7.08 13.56
C11 NOV D . -25.75 6.48 13.64
O10 NOV D . -26.01 10.09 11.68
C6 NOV D . -27.19 10.75 11.50
O11 NOV D . -27.11 11.81 10.93
C7 NOV D . -28.36 10.20 12.03
C8 NOV D . -28.33 8.99 12.72
O9 NOV D . -29.46 8.47 13.21
N2 NOV D . -29.57 10.87 11.77
C13 NOV D . -29.94 12.09 12.16
O2 NOV D . -30.80 12.72 11.57
C14 NOV D . -29.37 12.62 13.43
C15 NOV D . -29.16 11.81 14.53
C16 NOV D . -28.72 12.32 15.74
C17 NOV D . -28.44 13.67 15.81
O3 NOV D . -27.97 14.18 16.98
C18 NOV D . -28.67 14.51 14.73
C19 NOV D . -29.13 13.98 13.55
C20 NOV D . -28.50 11.41 16.93
C21 NOV D . -27.06 11.22 17.28
C22 NOV D . -26.36 10.10 17.30
C24 NOV D . -24.91 10.09 17.62
C25 NOV D . -26.95 8.74 17.05
C1 MRD E . -14.40 -8.58 26.92
C2 MRD E . -14.86 -8.05 25.57
O2 MRD E . -15.74 -9.03 24.97
CM MRD E . -13.68 -7.86 24.62
C3 MRD E . -15.65 -6.76 25.71
C4 MRD E . -16.81 -6.82 26.67
O4 MRD E . -17.73 -7.80 26.25
C5 MRD E . -17.56 -5.53 26.81
C1 NOV F . 10.32 -21.05 -7.22
O1 NOV F . 11.59 -21.50 -6.74
N1 NOV F . 8.69 -23.67 -3.80
C12 NOV F . 9.98 -23.89 -4.08
O4 NOV F . 10.78 -24.31 -3.28
O5 NOV F . 10.26 -23.59 -5.37
C27 NOV F . 11.86 -22.87 -7.01
C28 NOV F . 11.66 -23.69 -5.74
C29 NOV F . 12.01 -25.13 -5.98
O6 NOV F . 11.21 -25.71 -7.01
C30 NOV F . 13.45 -25.21 -6.41
O7 NOV F . 13.70 -24.39 -7.54
C31 NOV F . 13.27 -23.00 -7.53
C23 NOV F . 14.26 -22.15 -6.73
C26 NOV F . 13.34 -22.58 -8.99
O8 NOV F . 14.15 -24.75 -5.29
C3 NOV F . 15.51 -25.01 -5.17
C4 NOV F . 16.01 -24.68 -3.91
C2 NOV F . 15.11 -24.20 -2.82
C5 NOV F . 17.36 -24.91 -3.70
C9 NOV F . 18.20 -25.40 -4.70
C10 NOV F . 17.65 -25.66 -5.97
C11 NOV F . 16.34 -25.47 -6.20
O10 NOV F . 17.84 -24.62 -2.45
C6 NOV F . 19.14 -24.85 -2.11
O11 NOV F . 19.46 -24.60 -0.96
C7 NOV F . 20.02 -25.33 -3.08
C8 NOV F . 19.57 -25.59 -4.37
O9 NOV F . 20.41 -26.07 -5.31
N2 NOV F . 21.36 -25.58 -2.73
C13 NOV F . 22.24 -24.70 -2.23
O2 NOV F . 23.12 -25.03 -1.47
C14 NOV F . 22.16 -23.30 -2.72
C15 NOV F . 21.89 -22.98 -4.05
C16 NOV F . 21.89 -21.67 -4.49
C17 NOV F . 22.15 -20.66 -3.56
O3 NOV F . 22.14 -19.36 -3.98
C18 NOV F . 22.42 -20.97 -2.25
C19 NOV F . 22.43 -22.28 -1.83
C20 NOV F . 21.60 -21.36 -5.93
C21 NOV F . 20.28 -20.65 -6.14
C22 NOV F . 19.21 -21.09 -6.76
C24 NOV F . 17.93 -20.31 -6.75
C25 NOV F . 19.14 -22.36 -7.53
O1 MES G . -16.46 -19.37 -12.05
C2 MES G . -17.64 -19.30 -11.27
C3 MES G . -17.39 -19.72 -9.85
N4 MES G . -16.87 -21.12 -9.82
C5 MES G . -15.64 -21.19 -10.68
C6 MES G . -15.97 -20.71 -12.06
C7 MES G . -16.60 -21.59 -8.42
C8 MES G . -16.53 -23.10 -8.30
S MES G . -16.23 -23.66 -6.64
O1S MES G . -15.13 -22.88 -6.14
O2S MES G . -15.94 -25.06 -6.76
O3S MES G . -17.46 -23.41 -5.93
C1 MRD H . 21.77 -10.95 8.52
C2 MRD H . 21.50 -12.45 8.59
O2 MRD H . 20.10 -12.62 8.88
CM MRD H . 22.27 -13.09 9.72
C3 MRD H . 21.80 -13.14 7.25
C4 MRD H . 21.41 -14.59 7.20
O4 MRD H . 22.25 -15.32 8.08
C5 MRD H . 21.51 -15.18 5.82
C1 NOV I . 3.07 15.81 -7.80
O1 NOV I . 1.76 15.81 -8.36
N1 NOV I . 4.24 15.86 -12.32
C12 NOV I . 2.97 15.55 -12.07
O4 NOV I . 2.07 15.74 -12.85
O5 NOV I . 2.82 15.00 -10.82
C27 NOV I . 1.35 14.58 -8.93
C28 NOV I . 1.46 14.67 -10.44
C29 NOV I . 1.05 13.36 -11.07
O6 NOV I . 1.85 12.28 -10.61
C30 NOV I . -0.40 13.11 -10.70
O7 NOV I . -0.57 13.09 -9.28
C31 NOV I . -0.08 14.24 -8.52
C23 NOV I . -1.03 15.42 -8.70
C26 NOV I . -0.14 13.75 -7.08
O8 NOV I . -1.12 14.17 -11.28
C3 NOV I . -2.50 14.10 -11.39
C4 NOV I . -3.07 15.13 -12.12
C2 NOV I . -2.22 16.19 -12.77
C5 NOV I . -4.45 15.12 -12.27
C9 NOV I . -5.25 14.13 -11.70
C10 NOV I . -4.62 13.13 -10.95
C11 NOV I . -3.28 13.09 -10.79
O10 NOV I . -5.00 16.14 -13.02
C6 NOV I . -6.34 16.22 -13.25
O11 NOV I . -6.71 17.15 -13.93
C7 NOV I . -7.18 15.27 -12.69
C8 NOV I . -6.65 14.23 -11.92
O9 NOV I . -7.46 13.27 -11.39
N2 NOV I . -8.56 15.34 -12.95
C13 NOV I . -9.45 16.27 -12.57
O2 NOV I . -10.53 16.42 -13.15
C14 NOV I . -9.11 17.10 -11.38
C15 NOV I . -8.75 16.53 -10.15
C16 NOV I . -8.49 17.31 -9.05
C17 NOV I . -8.64 18.69 -9.16
O3 NOV I . -8.41 19.49 -8.08
C18 NOV I . -9.03 19.27 -10.36
C19 NOV I . -9.28 18.47 -11.46
C20 NOV I . -8.10 16.67 -7.73
C21 NOV I . -6.70 16.98 -7.27
C22 NOV I . -5.66 16.17 -7.25
C24 NOV I . -4.35 16.56 -6.66
C25 NOV I . -5.68 14.79 -7.85
#